data_3F9T
#
_entry.id   3F9T
#
_cell.length_a   85.276
_cell.length_b   104.128
_cell.length_c   119.915
_cell.angle_alpha   90.000
_cell.angle_beta   90.000
_cell.angle_gamma   90.000
#
_symmetry.space_group_name_H-M   'P 21 21 21'
#
loop_
_entity.id
_entity.type
_entity.pdbx_description
1 polymer 'L-tyrosine decarboxylase MfnA'
2 non-polymer "PYRIDOXAL-5'-PHOSPHATE"
3 non-polymer (4S)-2-METHYL-2,4-PENTANEDIOL
4 water water
#
_entity_poly.entity_id   1
_entity_poly.type   'polypeptide(L)'
_entity_poly.pdbx_seq_one_letter_code
;G(MSE)RN(MSE)QEKGVSEKEILEELKKYRSLDLKYEDGNIFGS(MSE)CSNVLPITRKIVDIFLETNLGDPGLFKGTK
LLEEKAVALLGSLLNNKDAYGHIVSGGTEANL(MSE)ALRCIKNIWREKRRKGLSKNEHPKIIVPITAHFSFEKGRE
(MSE)(MSE)DLEYIYAPIKEDYTIDEKFVKDAVEDYDVDGIIGIAGTTELGTIDNIEELSKIAKENNIYIHVDAAFGGL
VIPFLDDKYKKKGVNYKFDFSLGVDSITIDPHK(MSE)GHCPIPSGGILFKDIGYKRYLDVDAPYLTETRQATILGTRVG
FGGACTYAVLRYLGREGQRKIVNEC(MSE)ENTLYLYKKLKENNFKPVIEPILNIVAIEDEDYKEVCKKLRDRGIYVSVC
NCVKALRIVV(MSE)PHIKREHIDNFIEILNSIKRD
;
_entity_poly.pdbx_strand_id   A,B
#
loop_
_chem_comp.id
_chem_comp.type
_chem_comp.name
_chem_comp.formula
MPD non-polymer (4S)-2-METHYL-2,4-PENTANEDIOL 'C6 H14 O2'
PLP non-polymer PYRIDOXAL-5'-PHOSPHATE 'C8 H10 N O6 P'
#
# COMPACT_ATOMS: atom_id res chain seq x y z
N MSE A 2 4.53 -19.75 -19.04
CA MSE A 2 3.36 -19.39 -19.90
C MSE A 2 2.71 -18.02 -19.69
O MSE A 2 2.96 -17.35 -18.68
CB MSE A 2 2.24 -20.41 -19.74
CG MSE A 2 2.32 -21.57 -20.70
SE MSE A 2 0.54 -21.66 -21.53
CE MSE A 2 0.71 -20.05 -22.86
N ARG A 3 1.89 -17.64 -20.66
CA ARG A 3 1.14 -16.39 -20.64
C ARG A 3 -0.40 -16.48 -20.59
N ASN A 4 -0.95 -17.65 -20.90
CA ASN A 4 -2.38 -17.87 -20.90
C ASN A 4 -2.75 -18.94 -19.88
N MSE A 5 -3.96 -18.86 -19.35
CA MSE A 5 -4.47 -19.86 -18.44
C MSE A 5 -4.58 -21.20 -19.17
O MSE A 5 -4.66 -21.24 -20.38
CB MSE A 5 -5.85 -19.47 -17.95
CG MSE A 5 -5.89 -18.27 -17.03
SE MSE A 5 -5.07 -18.62 -15.29
CE MSE A 5 -6.13 -20.18 -14.58
N GLN A 6 -4.53 -22.28 -18.42
CA GLN A 6 -4.77 -23.58 -18.94
C GLN A 6 -5.59 -24.37 -17.88
N GLU A 7 -6.21 -25.47 -18.30
CA GLU A 7 -7.03 -26.29 -17.42
C GLU A 7 -6.24 -26.99 -16.32
N LYS A 8 -5.17 -27.68 -16.67
CA LYS A 8 -4.43 -28.42 -15.68
C LYS A 8 -3.38 -27.60 -14.95
N GLY A 9 -3.19 -27.93 -13.68
CA GLY A 9 -2.17 -27.35 -12.87
C GLY A 9 -0.83 -27.94 -13.24
N VAL A 10 0.20 -27.36 -12.66
CA VAL A 10 1.59 -27.72 -12.89
C VAL A 10 2.17 -28.02 -11.50
N SER A 11 3.17 -28.90 -11.43
CA SER A 11 3.76 -29.27 -10.14
C SER A 11 4.49 -28.11 -9.47
N GLU A 12 4.63 -28.22 -8.15
CA GLU A 12 5.33 -27.26 -7.34
C GLU A 12 6.78 -27.15 -7.79
N LYS A 13 7.42 -28.30 -8.03
CA LYS A 13 8.80 -28.33 -8.46
C LYS A 13 9.00 -27.51 -9.74
N GLU A 14 8.10 -27.69 -10.70
CA GLU A 14 8.18 -27.03 -11.99
C GLU A 14 8.02 -25.51 -11.88
N ILE A 15 7.05 -25.09 -11.10
CA ILE A 15 6.81 -23.68 -10.98
CA ILE A 15 6.75 -23.67 -10.87
C ILE A 15 7.90 -23.02 -10.14
N LEU A 16 8.41 -23.70 -9.11
CA LEU A 16 9.52 -23.15 -8.33
C LEU A 16 10.77 -23.02 -9.20
N GLU A 17 11.00 -24.01 -10.07
CA GLU A 17 12.15 -23.97 -10.99
C GLU A 17 12.05 -22.77 -11.93
N GLU A 18 10.86 -22.52 -12.47
CA GLU A 18 10.66 -21.36 -13.34
C GLU A 18 10.92 -20.05 -12.57
N LEU A 19 10.34 -19.93 -11.39
CA LEU A 19 10.51 -18.74 -10.53
C LEU A 19 11.96 -18.43 -10.19
N LYS A 20 12.76 -19.48 -10.02
CA LYS A 20 14.17 -19.35 -9.68
C LYS A 20 14.96 -18.86 -10.89
N LYS A 21 14.58 -19.30 -12.08
CA LYS A 21 15.18 -18.80 -13.32
C LYS A 21 14.96 -17.27 -13.39
N TYR A 22 13.75 -16.82 -13.09
CA TYR A 22 13.42 -15.39 -13.06
C TYR A 22 14.18 -14.63 -11.96
N ARG A 23 14.21 -15.19 -10.76
CA ARG A 23 14.91 -14.58 -9.62
CA ARG A 23 14.90 -14.54 -9.65
C ARG A 23 16.39 -14.41 -9.96
N SER A 24 16.94 -15.33 -10.73
CA SER A 24 18.37 -15.25 -11.05
C SER A 24 18.70 -14.05 -11.96
N LEU A 25 17.72 -13.49 -12.68
CA LEU A 25 17.94 -12.27 -13.48
C LEU A 25 17.96 -11.01 -12.60
N ASP A 26 17.49 -11.10 -11.37
CA ASP A 26 17.48 -9.94 -10.51
C ASP A 26 18.85 -9.63 -9.94
N LEU A 27 19.06 -8.38 -9.59
CA LEU A 27 20.28 -8.06 -8.86
C LEU A 27 20.01 -8.42 -7.40
N LYS A 28 21.08 -8.63 -6.66
CA LYS A 28 20.99 -8.94 -5.25
C LYS A 28 21.79 -7.86 -4.52
N TYR A 29 21.23 -7.33 -3.43
CA TYR A 29 21.89 -6.31 -2.61
C TYR A 29 23.33 -6.65 -2.18
N GLU A 30 23.54 -7.92 -1.82
CA GLU A 30 24.83 -8.37 -1.32
C GLU A 30 25.94 -8.51 -2.37
N ASP A 31 25.64 -8.34 -3.65
CA ASP A 31 26.63 -8.53 -4.73
C ASP A 31 27.45 -7.28 -5.13
N GLY A 32 27.20 -6.13 -4.51
CA GLY A 32 27.94 -4.92 -4.88
C GLY A 32 27.58 -4.33 -6.23
N ASN A 33 26.33 -4.48 -6.62
CA ASN A 33 25.82 -3.93 -7.88
C ASN A 33 24.95 -2.72 -7.58
N ILE A 34 24.18 -2.79 -6.50
CA ILE A 34 23.17 -1.79 -6.15
C ILE A 34 23.79 -0.67 -5.32
N PHE A 35 23.89 0.53 -5.91
CA PHE A 35 24.46 1.71 -5.24
C PHE A 35 23.49 2.85 -5.04
N GLY A 36 22.29 2.76 -5.62
CA GLY A 36 21.32 3.87 -5.56
C GLY A 36 19.98 3.62 -4.90
N SER A 37 19.90 2.58 -4.06
CA SER A 37 18.68 2.18 -3.38
C SER A 37 18.69 2.54 -1.90
N MSE A 38 17.52 2.94 -1.41
CA MSE A 38 17.29 3.18 0.02
C MSE A 38 16.75 1.94 0.72
O MSE A 38 16.36 2.01 1.88
CB MSE A 38 16.40 4.38 0.25
CG MSE A 38 17.14 5.69 0.02
SE MSE A 38 15.97 7.19 0.31
CE MSE A 38 17.31 8.50 0.84
N CYS A 39 16.72 0.81 0.00
CA CYS A 39 16.43 -0.50 0.58
C CYS A 39 17.71 -1.35 0.50
N SER A 40 17.83 -2.35 1.37
CA SER A 40 18.98 -3.25 1.40
C SER A 40 18.50 -4.65 1.84
N ASN A 41 19.45 -5.50 2.25
CA ASN A 41 19.14 -6.82 2.79
C ASN A 41 18.37 -6.67 4.11
N VAL A 42 17.42 -7.56 4.34
CA VAL A 42 16.66 -7.53 5.58
C VAL A 42 17.50 -8.25 6.64
N LEU A 43 17.31 -7.92 7.91
CA LEU A 43 18.00 -8.69 8.95
C LEU A 43 17.40 -10.11 8.94
N PRO A 44 18.26 -11.16 8.95
CA PRO A 44 17.76 -12.54 8.89
C PRO A 44 16.59 -12.89 9.80
N ILE A 45 16.54 -12.31 11.00
CA ILE A 45 15.47 -12.57 11.95
C ILE A 45 14.07 -12.29 11.39
N THR A 46 13.97 -11.28 10.51
CA THR A 46 12.71 -10.86 9.94
C THR A 46 12.08 -11.91 9.01
N ARG A 47 12.87 -12.84 8.48
CA ARG A 47 12.33 -13.88 7.59
CA ARG A 47 12.32 -13.88 7.61
C ARG A 47 11.44 -14.82 8.40
N LYS A 48 11.85 -15.09 9.63
CA LYS A 48 11.08 -15.91 10.54
C LYS A 48 9.79 -15.18 10.97
N ILE A 49 9.87 -13.87 11.18
CA ILE A 49 8.72 -13.02 11.61
C ILE A 49 7.68 -12.95 10.45
N VAL A 50 8.15 -12.71 9.21
CA VAL A 50 7.26 -12.71 8.04
C VAL A 50 6.43 -14.01 8.01
N ASP A 51 7.08 -15.16 8.20
CA ASP A 51 6.41 -16.45 8.13
C ASP A 51 5.39 -16.63 9.23
N ILE A 52 5.75 -16.27 10.48
CA ILE A 52 4.82 -16.36 11.61
C ILE A 52 3.59 -15.44 11.41
N PHE A 53 3.81 -14.23 10.93
CA PHE A 53 2.74 -13.27 10.77
C PHE A 53 2.14 -13.12 9.39
N LEU A 54 2.50 -14.01 8.47
CA LEU A 54 2.08 -13.90 7.08
C LEU A 54 0.56 -13.89 6.96
N GLU A 55 -0.08 -14.78 7.71
CA GLU A 55 -1.55 -14.87 7.71
C GLU A 55 -2.23 -13.97 8.77
N THR A 56 -1.83 -12.71 8.77
CA THR A 56 -2.48 -11.67 9.55
C THR A 56 -2.88 -10.51 8.62
N ASN A 57 -3.75 -9.66 9.14
CA ASN A 57 -4.31 -8.55 8.37
C ASN A 57 -4.66 -7.42 9.35
N LEU A 58 -3.86 -6.36 9.35
CA LEU A 58 -4.11 -5.24 10.26
C LEU A 58 -5.31 -4.39 9.83
N GLY A 59 -5.92 -4.69 8.67
CA GLY A 59 -7.17 -4.05 8.25
C GLY A 59 -8.39 -4.60 9.02
N ASP A 60 -8.22 -5.74 9.70
CA ASP A 60 -9.27 -6.38 10.51
C ASP A 60 -8.60 -6.75 11.84
N PRO A 61 -8.20 -5.73 12.64
CA PRO A 61 -7.40 -5.92 13.85
C PRO A 61 -8.05 -6.71 15.02
N GLY A 62 -9.38 -6.65 15.14
CA GLY A 62 -10.12 -7.44 16.08
C GLY A 62 -10.00 -8.96 15.90
N LEU A 63 -9.49 -9.41 14.75
CA LEU A 63 -9.24 -10.84 14.54
C LEU A 63 -7.82 -11.19 14.92
N PHE A 64 -6.93 -10.20 14.94
CA PHE A 64 -5.52 -10.44 15.19
C PHE A 64 -5.03 -9.49 16.29
N LYS A 65 -5.53 -9.70 17.51
CA LYS A 65 -5.31 -8.78 18.63
C LYS A 65 -3.86 -8.68 19.06
N GLY A 66 -3.10 -9.77 18.93
CA GLY A 66 -1.69 -9.76 19.28
C GLY A 66 -0.87 -9.00 18.26
N THR A 67 -1.21 -9.19 17.00
CA THR A 67 -0.54 -8.52 15.89
C THR A 67 -0.79 -7.00 15.97
N LYS A 68 -1.99 -6.61 16.33
CA LYS A 68 -2.35 -5.21 16.51
C LYS A 68 -1.58 -4.58 17.67
N LEU A 69 -1.47 -5.32 18.77
CA LEU A 69 -0.69 -4.88 19.92
C LEU A 69 0.77 -4.69 19.51
N LEU A 70 1.31 -5.60 18.69
CA LEU A 70 2.67 -5.41 18.18
C LEU A 70 2.77 -4.16 17.30
N GLU A 71 1.75 -3.84 16.50
CA GLU A 71 1.81 -2.58 15.71
C GLU A 71 1.91 -1.38 16.68
N GLU A 72 1.09 -1.39 17.73
CA GLU A 72 1.07 -0.34 18.74
C GLU A 72 2.39 -0.22 19.50
N LYS A 73 3.01 -1.35 19.81
CA LYS A 73 4.33 -1.36 20.47
C LYS A 73 5.42 -0.87 19.53
N ALA A 74 5.33 -1.20 18.22
CA ALA A 74 6.30 -0.72 17.23
C ALA A 74 6.21 0.81 17.13
N VAL A 75 4.99 1.32 17.04
CA VAL A 75 4.75 2.76 16.97
C VAL A 75 5.24 3.47 18.26
N ALA A 76 5.01 2.85 19.41
CA ALA A 76 5.47 3.40 20.69
C ALA A 76 6.99 3.43 20.81
N LEU A 77 7.67 2.42 20.25
CA LEU A 77 9.13 2.35 20.31
C LEU A 77 9.70 3.46 19.38
N LEU A 78 9.10 3.60 18.21
CA LEU A 78 9.48 4.67 17.28
C LEU A 78 9.16 6.06 17.88
N GLY A 79 8.03 6.18 18.55
CA GLY A 79 7.64 7.42 19.24
C GLY A 79 8.66 7.82 20.29
N SER A 80 9.03 6.87 21.15
CA SER A 80 10.07 7.04 22.17
C SER A 80 11.38 7.54 21.56
N LEU A 81 11.80 6.90 20.46
CA LEU A 81 13.02 7.28 19.74
C LEU A 81 12.90 8.72 19.24
N LEU A 82 11.70 9.12 18.83
CA LEU A 82 11.48 10.48 18.35
C LEU A 82 10.96 11.43 19.45
N ASN A 83 11.25 11.09 20.71
CA ASN A 83 10.87 11.88 21.86
C ASN A 83 9.40 12.15 22.06
N ASN A 84 8.59 11.10 21.94
CA ASN A 84 7.17 11.25 22.16
C ASN A 84 6.59 9.92 22.63
N LYS A 85 6.33 9.81 23.93
CA LYS A 85 5.79 8.57 24.52
C LYS A 85 4.26 8.44 24.32
N ASP A 86 3.63 9.42 23.70
CA ASP A 86 2.18 9.42 23.47
C ASP A 86 1.82 9.42 21.98
N ALA A 87 2.79 9.19 21.10
CA ALA A 87 2.56 9.19 19.65
C ALA A 87 1.44 8.24 19.25
N TYR A 88 0.69 8.68 18.26
CA TYR A 88 -0.35 7.90 17.66
C TYR A 88 0.07 7.69 16.20
N GLY A 89 -0.03 6.47 15.72
CA GLY A 89 0.35 6.23 14.34
C GLY A 89 0.18 4.81 13.93
N HIS A 90 0.77 4.49 12.77
CA HIS A 90 0.70 3.16 12.18
C HIS A 90 1.97 2.73 11.46
N ILE A 91 2.14 1.40 11.34
CA ILE A 91 3.16 0.77 10.52
C ILE A 91 2.42 0.43 9.22
N VAL A 92 2.63 1.31 8.25
CA VAL A 92 1.96 1.33 6.98
C VAL A 92 2.82 0.71 5.86
N SER A 93 2.50 1.00 4.61
CA SER A 93 3.14 0.36 3.43
C SER A 93 4.46 0.95 3.00
N GLY A 94 4.75 2.15 3.47
CA GLY A 94 5.93 2.88 3.09
C GLY A 94 5.76 4.36 3.39
N GLY A 95 6.82 5.09 3.06
CA GLY A 95 6.87 6.52 3.23
C GLY A 95 5.88 7.26 2.37
N THR A 96 5.48 6.69 1.24
CA THR A 96 4.46 7.32 0.39
C THR A 96 3.09 7.38 1.08
N GLU A 97 2.59 6.25 1.55
CA GLU A 97 1.31 6.26 2.25
C GLU A 97 1.37 7.14 3.50
N ALA A 98 2.48 7.04 4.22
CA ALA A 98 2.74 7.89 5.42
C ALA A 98 2.59 9.39 5.11
N ASN A 99 3.31 9.86 4.09
CA ASN A 99 3.21 11.25 3.60
C ASN A 99 1.81 11.59 3.09
N LEU A 100 1.14 10.66 2.42
CA LEU A 100 -0.21 10.92 1.94
C LEU A 100 -1.19 11.08 3.10
N MSE A 101 -1.01 10.30 4.18
CA MSE A 101 -1.85 10.44 5.37
C MSE A 101 -1.65 11.78 6.09
O MSE A 101 -2.61 12.39 6.57
CB MSE A 101 -1.59 9.26 6.32
CG MSE A 101 -2.17 7.97 5.80
SE MSE A 101 -1.62 6.39 6.75
CE MSE A 101 -2.34 6.94 8.53
N ALA A 102 -0.41 12.24 6.15
CA ALA A 102 -0.11 13.56 6.74
C ALA A 102 -0.80 14.66 5.93
N LEU A 103 -0.75 14.55 4.60
CA LEU A 103 -1.41 15.48 3.70
C LEU A 103 -2.94 15.41 3.85
N ARG A 104 -3.51 14.23 4.05
CA ARG A 104 -4.96 14.14 4.31
C ARG A 104 -5.32 14.87 5.62
N CYS A 105 -4.48 14.69 6.63
CA CYS A 105 -4.69 15.30 7.94
C CYS A 105 -4.69 16.83 7.82
N ILE A 106 -3.70 17.36 7.11
CA ILE A 106 -3.58 18.77 6.82
C ILE A 106 -4.82 19.28 6.08
N LYS A 107 -5.31 18.49 5.13
CA LYS A 107 -6.46 18.85 4.31
C LYS A 107 -7.77 18.82 5.11
N ASN A 108 -7.91 17.86 6.00
CA ASN A 108 -9.13 17.75 6.82
C ASN A 108 -9.25 18.80 7.91
N ILE A 109 -8.10 19.29 8.40
CA ILE A 109 -8.06 20.42 9.34
C ILE A 109 -8.46 21.67 8.55
N TRP A 110 -7.99 21.81 7.32
CA TRP A 110 -8.39 22.93 6.46
C TRP A 110 -9.90 22.88 6.14
N ARG A 111 -10.38 21.69 5.80
CA ARG A 111 -11.79 21.50 5.44
C ARG A 111 -12.71 21.93 6.59
N GLU A 112 -12.32 21.56 7.82
CA GLU A 112 -13.04 21.93 9.04
C GLU A 112 -13.11 23.47 9.17
N LYS A 113 -11.98 24.15 9.00
CA LYS A 113 -11.92 25.60 8.97
C LYS A 113 -12.81 26.18 7.88
N ARG A 114 -12.61 25.69 6.67
CA ARG A 114 -13.33 26.20 5.50
C ARG A 114 -14.86 26.20 5.72
N ARG A 115 -15.41 25.09 6.21
CA ARG A 115 -16.83 24.96 6.48
CA ARG A 115 -16.85 24.99 6.46
C ARG A 115 -17.25 25.86 7.65
N LYS A 116 -16.32 26.15 8.57
CA LYS A 116 -16.63 27.02 9.72
C LYS A 116 -16.44 28.52 9.39
N GLY A 117 -16.24 28.84 8.12
CA GLY A 117 -16.05 30.23 7.68
C GLY A 117 -14.73 30.79 8.17
N LEU A 118 -13.81 29.90 8.52
CA LEU A 118 -12.52 30.29 9.09
C LEU A 118 -11.31 30.27 8.12
N SER A 119 -11.48 29.76 6.91
CA SER A 119 -10.39 29.82 5.92
C SER A 119 -10.89 30.49 4.65
N LYS A 120 -10.05 31.35 4.06
CA LYS A 120 -10.36 31.98 2.79
C LYS A 120 -9.77 31.26 1.59
N ASN A 121 -9.05 30.17 1.86
CA ASN A 121 -8.44 29.34 0.84
C ASN A 121 -9.42 28.35 0.23
N GLU A 122 -9.52 28.34 -1.09
CA GLU A 122 -10.40 27.38 -1.76
C GLU A 122 -9.81 25.96 -1.76
N HIS A 123 -8.48 25.87 -1.73
CA HIS A 123 -7.74 24.59 -1.59
C HIS A 123 -6.66 24.77 -0.54
N PRO A 124 -6.23 23.69 0.13
CA PRO A 124 -5.17 23.91 1.12
C PRO A 124 -3.87 24.42 0.47
N LYS A 125 -3.24 25.41 1.12
CA LYS A 125 -1.97 25.95 0.67
C LYS A 125 -0.89 25.32 1.56
N ILE A 126 0.06 24.65 0.93
CA ILE A 126 1.11 23.91 1.67
C ILE A 126 2.49 24.30 1.17
N ILE A 127 3.40 24.62 2.09
CA ILE A 127 4.78 24.99 1.72
C ILE A 127 5.63 23.72 1.60
N VAL A 128 6.15 23.50 0.40
CA VAL A 128 6.84 22.28 0.10
C VAL A 128 8.20 22.62 -0.50
N PRO A 129 9.28 22.13 0.12
CA PRO A 129 10.57 22.41 -0.49
C PRO A 129 10.71 21.66 -1.82
N ILE A 130 11.52 22.18 -2.74
CA ILE A 130 11.68 21.52 -4.05
C ILE A 130 12.46 20.21 -3.95
N THR A 131 12.99 19.89 -2.77
CA THR A 131 13.70 18.64 -2.53
C THR A 131 12.74 17.54 -1.99
N ALA A 132 11.47 17.91 -1.84
CA ALA A 132 10.45 17.00 -1.36
C ALA A 132 10.36 15.79 -2.29
N HIS A 133 10.16 14.62 -1.69
CA HIS A 133 10.01 13.37 -2.43
C HIS A 133 8.78 13.41 -3.37
N PHE A 134 8.84 12.66 -4.47
CA PHE A 134 7.74 12.64 -5.43
C PHE A 134 6.37 12.14 -4.90
N SER A 135 6.33 11.50 -3.73
CA SER A 135 5.07 11.14 -3.08
C SER A 135 4.25 12.42 -2.86
N PHE A 136 4.96 13.54 -2.65
CA PHE A 136 4.30 14.82 -2.44
C PHE A 136 3.57 15.29 -3.69
N GLU A 137 4.09 14.94 -4.85
CA GLU A 137 3.46 15.28 -6.13
C GLU A 137 2.21 14.41 -6.38
N LYS A 138 2.30 13.13 -6.03
CA LYS A 138 1.20 12.22 -6.13
C LYS A 138 0.07 12.79 -5.31
N GLY A 139 0.42 13.31 -4.13
CA GLY A 139 -0.54 13.92 -3.21
C GLY A 139 -1.17 15.14 -3.80
N ARG A 140 -0.35 16.05 -4.32
CA ARG A 140 -0.83 17.28 -4.92
C ARG A 140 -1.83 16.97 -6.02
N GLU A 141 -1.43 16.09 -6.93
CA GLU A 141 -2.24 15.68 -8.07
C GLU A 141 -3.59 15.02 -7.65
N MSE A 142 -3.56 14.04 -6.75
CA MSE A 142 -4.80 13.39 -6.35
C MSE A 142 -5.72 14.22 -5.47
O MSE A 142 -6.92 14.16 -5.63
CB MSE A 142 -4.50 12.10 -5.58
CG MSE A 142 -3.94 11.03 -6.43
SE MSE A 142 -3.70 9.44 -5.33
CE MSE A 142 -2.49 9.99 -4.11
N MSE A 143 -5.17 15.07 -4.62
CA MSE A 143 -5.98 15.76 -3.60
C MSE A 143 -6.27 17.21 -3.84
O MSE A 143 -6.91 17.83 -3.01
CB MSE A 143 -5.38 15.58 -2.21
CG MSE A 143 -5.02 14.15 -1.83
SE MSE A 143 -4.28 14.06 0.01
CE MSE A 143 -3.22 12.73 -0.28
N ASP A 144 -5.87 17.75 -4.99
CA ASP A 144 -6.14 19.14 -5.29
C ASP A 144 -5.58 20.06 -4.18
N LEU A 145 -4.27 19.92 -3.93
CA LEU A 145 -3.54 20.71 -2.94
C LEU A 145 -2.79 21.77 -3.70
N GLU A 146 -2.69 22.96 -3.11
CA GLU A 146 -1.95 24.05 -3.71
C GLU A 146 -0.62 24.18 -2.97
N TYR A 147 0.46 23.97 -3.71
CA TYR A 147 1.80 23.99 -3.17
C TYR A 147 2.50 25.31 -3.38
N ILE A 148 3.05 25.84 -2.30
CA ILE A 148 3.90 27.04 -2.36
C ILE A 148 5.29 26.38 -2.35
N TYR A 149 5.97 26.38 -3.49
CA TYR A 149 7.26 25.71 -3.57
C TYR A 149 8.36 26.54 -2.94
N ALA A 150 8.92 26.04 -1.84
CA ALA A 150 9.98 26.75 -1.14
C ALA A 150 11.32 26.48 -1.83
N PRO A 151 12.14 27.53 -2.06
CA PRO A 151 13.46 27.28 -2.64
C PRO A 151 14.45 26.71 -1.62
N ILE A 152 15.54 26.14 -2.13
CA ILE A 152 16.64 25.66 -1.28
C ILE A 152 17.86 26.60 -1.33
N LYS A 153 18.64 26.56 -0.24
CA LYS A 153 19.85 27.34 -0.12
C LYS A 153 21.01 26.58 -0.75
N GLU A 154 22.19 27.18 -0.71
CA GLU A 154 23.41 26.58 -1.29
C GLU A 154 23.76 25.21 -0.69
N ASP A 155 23.35 24.99 0.55
CA ASP A 155 23.61 23.74 1.27
C ASP A 155 22.46 22.72 1.11
N TYR A 156 21.54 23.00 0.19
CA TYR A 156 20.39 22.12 -0.11
C TYR A 156 19.40 21.91 1.03
N THR A 157 19.22 22.94 1.84
CA THR A 157 18.22 22.95 2.88
C THR A 157 17.22 24.09 2.60
N ILE A 158 15.98 23.85 3.02
CA ILE A 158 14.90 24.82 2.82
C ILE A 158 15.31 26.22 3.31
N ASP A 159 14.93 27.24 2.54
CA ASP A 159 15.18 28.64 2.84
C ASP A 159 14.16 29.03 3.90
N GLU A 160 14.60 29.11 5.16
CA GLU A 160 13.69 29.40 6.28
C GLU A 160 13.07 30.80 6.18
N LYS A 161 13.80 31.75 5.59
CA LYS A 161 13.34 33.14 5.44
C LYS A 161 12.14 33.18 4.49
N PHE A 162 12.27 32.51 3.33
CA PHE A 162 11.16 32.37 2.39
C PHE A 162 9.92 31.80 3.08
N VAL A 163 10.10 30.79 3.90
CA VAL A 163 9.01 30.14 4.60
C VAL A 163 8.32 31.17 5.51
N LYS A 164 9.11 31.89 6.29
CA LYS A 164 8.57 32.90 7.20
C LYS A 164 7.88 34.02 6.39
N ASP A 165 8.48 34.39 5.25
CA ASP A 165 7.91 35.40 4.34
C ASP A 165 6.57 34.95 3.77
N ALA A 166 6.50 33.68 3.36
CA ALA A 166 5.29 33.10 2.78
C ALA A 166 4.17 33.03 3.80
N VAL A 167 4.51 32.51 4.99
CA VAL A 167 3.55 32.39 6.09
C VAL A 167 2.94 33.76 6.46
N GLU A 168 3.68 34.83 6.18
CA GLU A 168 3.23 36.20 6.44
C GLU A 168 2.31 36.68 5.31
N ASP A 169 2.70 36.39 4.08
CA ASP A 169 1.95 36.83 2.90
C ASP A 169 0.72 35.98 2.59
N TYR A 170 0.75 34.68 2.91
CA TYR A 170 -0.38 33.80 2.63
C TYR A 170 -1.03 33.18 3.85
N ASP A 171 -2.23 32.65 3.63
CA ASP A 171 -2.94 31.88 4.63
C ASP A 171 -2.45 30.45 4.35
N VAL A 172 -1.49 29.99 5.16
CA VAL A 172 -0.83 28.68 5.00
C VAL A 172 -1.45 27.56 5.90
N ASP A 173 -1.73 26.43 5.24
CA ASP A 173 -2.37 25.29 5.87
C ASP A 173 -1.44 24.21 6.35
N GLY A 174 -0.23 24.18 5.81
CA GLY A 174 0.74 23.19 6.23
C GLY A 174 2.13 23.53 5.78
N ILE A 175 3.12 23.04 6.52
CA ILE A 175 4.52 23.21 6.17
C ILE A 175 5.16 21.82 6.18
N ILE A 176 5.94 21.52 5.14
CA ILE A 176 6.66 20.26 5.05
C ILE A 176 8.19 20.52 5.22
N GLY A 177 8.80 19.85 6.19
CA GLY A 177 10.26 19.84 6.39
C GLY A 177 10.78 18.44 6.14
N ILE A 178 12.05 18.32 5.74
CA ILE A 178 12.65 17.03 5.42
C ILE A 178 13.88 16.75 6.28
N ALA A 179 13.88 15.60 6.94
CA ALA A 179 15.00 15.18 7.78
C ALA A 179 15.68 13.99 7.08
N GLY A 180 16.54 14.32 6.12
CA GLY A 180 17.27 13.33 5.30
C GLY A 180 16.68 13.30 3.90
N THR A 181 17.03 14.32 3.10
CA THR A 181 16.47 14.44 1.74
C THR A 181 16.79 13.21 0.86
N THR A 182 15.85 12.91 -0.04
CA THR A 182 15.97 11.79 -0.97
C THR A 182 17.24 11.84 -1.79
N GLU A 183 17.59 13.00 -2.31
CA GLU A 183 18.73 13.11 -3.21
C GLU A 183 20.08 13.25 -2.56
N LEU A 184 20.16 13.97 -1.43
CA LEU A 184 21.44 14.31 -0.81
C LEU A 184 21.62 14.01 0.68
N GLY A 185 20.58 13.53 1.35
CA GLY A 185 20.65 13.22 2.77
C GLY A 185 20.76 14.44 3.67
N THR A 186 20.33 15.59 3.16
CA THR A 186 20.43 16.83 3.92
C THR A 186 19.22 16.98 4.89
N ILE A 187 19.35 17.84 5.88
CA ILE A 187 18.35 18.05 6.92
C ILE A 187 17.86 19.51 6.96
N ASP A 188 16.56 19.71 6.76
CA ASP A 188 16.00 21.08 6.82
C ASP A 188 16.07 21.56 8.29
N ASN A 189 16.02 22.86 8.52
CA ASN A 189 16.08 23.42 9.85
C ASN A 189 14.71 23.31 10.47
N ILE A 190 14.41 22.11 10.99
CA ILE A 190 13.09 21.81 11.55
C ILE A 190 12.81 22.68 12.79
N GLU A 191 13.86 23.02 13.52
CA GLU A 191 13.70 23.86 14.69
C GLU A 191 13.06 25.20 14.29
N GLU A 192 13.66 25.89 13.32
CA GLU A 192 13.12 27.15 12.85
C GLU A 192 11.73 26.94 12.24
N LEU A 193 11.57 25.93 11.39
CA LEU A 193 10.25 25.71 10.78
C LEU A 193 9.16 25.43 11.84
N SER A 194 9.52 24.70 12.90
CA SER A 194 8.56 24.35 13.96
C SER A 194 8.23 25.57 14.84
N LYS A 195 9.15 26.54 14.89
CA LYS A 195 8.95 27.80 15.61
C LYS A 195 7.98 28.66 14.79
N ILE A 196 8.25 28.78 13.49
CA ILE A 196 7.35 29.47 12.58
C ILE A 196 5.97 28.83 12.65
N ALA A 197 5.91 27.49 12.69
CA ALA A 197 4.62 26.76 12.71
C ALA A 197 3.84 26.94 14.01
N LYS A 198 4.55 26.80 15.14
CA LYS A 198 3.97 26.97 16.48
C LYS A 198 3.40 28.38 16.62
N GLU A 199 4.22 29.39 16.33
CA GLU A 199 3.83 30.80 16.47
C GLU A 199 2.69 31.26 15.56
N ASN A 200 2.42 30.50 14.50
CA ASN A 200 1.35 30.82 13.54
C ASN A 200 0.23 29.78 13.55
N ASN A 201 0.36 28.78 14.44
CA ASN A 201 -0.58 27.68 14.53
C ASN A 201 -0.82 27.00 13.16
N ILE A 202 0.31 26.56 12.57
CA ILE A 202 0.33 25.88 11.30
C ILE A 202 0.81 24.46 11.53
N TYR A 203 0.13 23.52 10.87
CA TYR A 203 0.49 22.11 10.96
C TYR A 203 1.87 21.93 10.33
N ILE A 204 2.76 21.20 11.00
CA ILE A 204 4.06 20.89 10.45
C ILE A 204 4.33 19.37 10.39
N HIS A 205 4.62 18.89 9.18
CA HIS A 205 4.98 17.51 8.93
C HIS A 205 6.44 17.39 8.57
N VAL A 206 7.10 16.40 9.17
CA VAL A 206 8.52 16.14 8.91
C VAL A 206 8.67 14.80 8.18
N ASP A 207 9.23 14.83 6.97
CA ASP A 207 9.48 13.60 6.25
C ASP A 207 10.86 13.06 6.62
N ALA A 208 10.87 12.12 7.57
CA ALA A 208 12.10 11.47 8.04
C ALA A 208 12.10 10.01 7.59
N ALA A 209 11.48 9.72 6.43
CA ALA A 209 11.43 8.36 5.88
C ALA A 209 12.77 7.63 5.97
N PHE A 210 13.84 8.31 5.55
CA PHE A 210 15.19 7.77 5.58
C PHE A 210 15.98 8.17 6.85
N GLY A 211 16.03 9.47 7.13
CA GLY A 211 16.82 10.00 8.21
C GLY A 211 16.34 9.69 9.60
N GLY A 212 15.06 9.34 9.74
CA GLY A 212 14.46 9.03 11.04
C GLY A 212 15.17 7.91 11.80
N LEU A 213 15.69 6.95 11.05
CA LEU A 213 16.41 5.78 11.62
C LEU A 213 17.93 5.90 11.44
N VAL A 214 18.43 7.09 11.11
CA VAL A 214 19.86 7.33 11.01
C VAL A 214 20.30 8.42 12.01
N ILE A 215 19.70 9.60 11.91
CA ILE A 215 20.02 10.77 12.74
C ILE A 215 20.08 10.46 14.24
N PRO A 216 19.08 9.74 14.78
CA PRO A 216 19.17 9.49 16.24
C PRO A 216 20.33 8.61 16.69
N PHE A 217 21.02 7.98 15.73
CA PHE A 217 22.08 7.04 16.06
C PHE A 217 23.42 7.49 15.52
N LEU A 218 23.48 8.73 15.05
CA LEU A 218 24.68 9.29 14.44
C LEU A 218 25.68 9.71 15.52
N ASP A 219 26.87 9.12 15.49
CA ASP A 219 27.92 9.46 16.46
C ASP A 219 28.41 10.90 16.19
N ASP A 220 28.84 11.60 17.25
CA ASP A 220 29.33 12.99 17.17
C ASP A 220 30.46 13.17 16.16
N LYS A 221 31.30 12.15 16.05
CA LYS A 221 32.38 12.09 15.06
C LYS A 221 31.92 12.47 13.66
N TYR A 222 30.66 12.13 13.33
CA TYR A 222 30.12 12.40 11.99
C TYR A 222 29.27 13.67 11.87
N LYS A 223 29.00 14.35 12.97
CA LYS A 223 28.19 15.57 12.93
C LYS A 223 29.02 16.80 12.56
N LYS A 224 28.39 17.73 11.86
CA LYS A 224 29.06 18.91 11.38
C LYS A 224 28.56 20.12 12.11
N LYS A 225 29.51 20.98 12.50
CA LYS A 225 29.25 22.20 13.23
C LYS A 225 28.29 23.06 12.41
N GLY A 226 27.34 23.68 13.10
CA GLY A 226 26.36 24.52 12.44
C GLY A 226 25.20 23.80 11.80
N VAL A 227 25.32 22.50 11.53
CA VAL A 227 24.22 21.74 10.91
C VAL A 227 23.17 21.37 11.97
N ASN A 228 21.91 21.57 11.63
CA ASN A 228 20.75 21.22 12.45
C ASN A 228 20.45 19.69 12.42
N TYR A 229 20.41 19.02 13.58
CA TYR A 229 20.07 17.56 13.66
C TYR A 229 18.76 17.29 14.40
N LYS A 230 18.19 18.33 15.00
CA LYS A 230 16.94 18.21 15.73
C LYS A 230 15.80 18.15 14.72
N PHE A 231 14.96 17.12 14.79
CA PHE A 231 13.86 16.98 13.82
C PHE A 231 12.57 16.37 14.39
N ASP A 232 12.60 15.96 15.65
CA ASP A 232 11.51 15.15 16.19
C ASP A 232 10.47 15.86 17.03
N PHE A 233 9.67 15.07 17.76
CA PHE A 233 8.55 15.61 18.51
C PHE A 233 8.99 16.54 19.64
N SER A 234 10.27 16.49 20.02
CA SER A 234 10.77 17.43 21.04
C SER A 234 10.55 18.87 20.54
N LEU A 235 10.46 19.06 19.22
CA LEU A 235 10.21 20.38 18.62
C LEU A 235 8.72 20.71 18.49
N GLY A 236 7.83 19.80 18.86
CA GLY A 236 6.39 20.06 18.84
C GLY A 236 5.73 19.91 17.47
N VAL A 237 6.38 19.15 16.59
CA VAL A 237 5.86 18.92 15.24
C VAL A 237 4.64 18.00 15.32
N ASP A 238 3.79 18.09 14.31
CA ASP A 238 2.51 17.37 14.31
C ASP A 238 2.60 15.93 13.85
N SER A 239 3.41 15.66 12.85
CA SER A 239 3.59 14.32 12.32
C SER A 239 5.01 14.13 11.77
N ILE A 240 5.42 12.87 11.79
CA ILE A 240 6.72 12.42 11.27
C ILE A 240 6.58 11.09 10.52
N THR A 241 7.07 11.08 9.28
CA THR A 241 7.18 9.86 8.47
C THR A 241 8.55 9.24 8.82
N ILE A 242 8.59 7.93 9.06
CA ILE A 242 9.85 7.23 9.39
C ILE A 242 9.69 5.81 8.87
N ASP A 243 10.59 5.35 7.98
CA ASP A 243 10.45 4.04 7.35
C ASP A 243 11.38 2.89 7.75
N PRO A 244 10.86 1.93 8.54
CA PRO A 244 11.67 0.76 8.87
C PRO A 244 12.24 -0.03 7.69
N HIS A 245 11.56 -0.11 6.55
CA HIS A 245 12.10 -0.86 5.42
C HIS A 245 13.22 -0.14 4.65
N LYS A 246 13.57 1.07 5.10
CA LYS A 246 14.80 1.70 4.62
C LYS A 246 15.92 1.34 5.63
N MSE A 247 16.29 2.27 6.53
CA MSE A 247 17.35 2.04 7.48
C MSE A 247 16.96 1.29 8.77
O MSE A 247 17.72 1.25 9.71
CB MSE A 247 18.04 3.37 7.77
CG MSE A 247 19.01 3.76 6.64
SE MSE A 247 20.60 2.59 6.53
CE MSE A 247 21.42 3.06 8.28
N GLY A 248 15.79 0.67 8.77
CA GLY A 248 15.37 -0.23 9.85
C GLY A 248 15.56 -1.70 9.51
N HIS A 249 16.08 -2.00 8.31
CA HIS A 249 16.40 -3.35 7.87
C HIS A 249 15.25 -4.34 7.89
N CYS A 250 14.04 -3.83 7.70
CA CYS A 250 12.81 -4.60 7.74
C CYS A 250 12.29 -4.83 6.32
N PRO A 251 11.61 -5.95 6.11
CA PRO A 251 11.13 -6.27 4.79
C PRO A 251 10.00 -5.35 4.38
N ILE A 252 9.96 -5.04 3.10
CA ILE A 252 8.82 -4.33 2.51
C ILE A 252 7.58 -5.21 2.69
N PRO A 253 6.42 -4.61 3.09
CA PRO A 253 6.16 -3.20 3.45
C PRO A 253 6.24 -2.92 4.96
N SER A 254 7.12 -1.98 5.33
CA SER A 254 7.26 -1.52 6.69
C SER A 254 7.55 -0.03 6.66
N GLY A 255 6.50 0.78 6.45
CA GLY A 255 6.63 2.25 6.49
C GLY A 255 6.08 2.72 7.83
N GLY A 256 6.27 3.99 8.17
CA GLY A 256 5.79 4.51 9.45
C GLY A 256 5.28 5.92 9.42
N ILE A 257 4.15 6.14 10.08
CA ILE A 257 3.54 7.47 10.21
C ILE A 257 3.22 7.63 11.69
N LEU A 258 3.75 8.70 12.27
CA LEU A 258 3.50 9.02 13.66
C LEU A 258 2.94 10.43 13.78
N PHE A 259 1.86 10.56 14.56
CA PHE A 259 1.21 11.87 14.83
C PHE A 259 1.47 12.22 16.28
N LYS A 260 1.52 13.51 16.59
CA LYS A 260 1.78 13.97 17.94
C LYS A 260 0.93 13.25 19.00
N ASP A 261 -0.36 13.03 18.72
CA ASP A 261 -1.23 12.33 19.67
C ASP A 261 -2.47 11.77 19.01
N ILE A 262 -3.26 11.03 19.78
CA ILE A 262 -4.48 10.36 19.27
C ILE A 262 -5.55 11.35 18.76
N GLY A 263 -5.42 12.62 19.14
CA GLY A 263 -6.34 13.67 18.69
C GLY A 263 -6.36 13.88 17.18
N TYR A 264 -5.31 13.40 16.51
CA TYR A 264 -5.18 13.57 15.06
C TYR A 264 -6.01 12.55 14.29
N LYS A 265 -6.38 11.45 14.96
CA LYS A 265 -7.13 10.36 14.33
C LYS A 265 -8.47 10.72 13.74
N ARG A 266 -9.17 11.66 14.36
CA ARG A 266 -10.49 12.06 13.88
C ARG A 266 -10.38 12.73 12.52
N TYR A 267 -9.19 13.27 12.21
CA TYR A 267 -8.96 13.89 10.90
C TYR A 267 -8.60 12.88 9.80
N LEU A 268 -8.58 11.59 10.16
CA LEU A 268 -8.23 10.52 9.22
C LEU A 268 -9.30 9.41 9.05
N ASP A 269 -10.08 9.16 10.09
CA ASP A 269 -11.05 8.05 10.10
C ASP A 269 -12.07 8.08 8.95
N VAL A 270 -12.25 6.89 8.37
CA VAL A 270 -13.23 6.60 7.33
C VAL A 270 -13.98 5.37 7.86
N ASP A 271 -15.32 5.36 7.75
CA ASP A 271 -16.13 4.21 8.20
C ASP A 271 -15.89 2.94 7.39
N ALA A 272 -15.57 1.86 8.11
CA ALA A 272 -15.35 0.52 7.56
C ALA A 272 -16.42 -0.35 8.25
N PRO A 273 -17.69 -0.32 7.75
CA PRO A 273 -18.85 -0.91 8.50
C PRO A 273 -18.90 -2.44 8.76
N TYR A 274 -18.28 -3.23 7.88
CA TYR A 274 -18.24 -4.70 8.00
C TYR A 274 -17.04 -5.25 8.81
N LEU A 275 -16.12 -4.40 9.23
CA LEU A 275 -14.91 -4.87 9.88
C LEU A 275 -14.93 -4.83 11.41
N THR A 276 -14.02 -5.58 12.02
CA THR A 276 -13.92 -5.60 13.49
C THR A 276 -13.68 -4.18 14.02
N GLU A 277 -12.80 -3.42 13.40
CA GLU A 277 -12.63 -2.01 13.76
C GLU A 277 -13.31 -1.24 12.65
N THR A 278 -14.36 -0.51 13.01
CA THR A 278 -15.20 0.18 12.01
C THR A 278 -14.71 1.58 11.58
N ARG A 279 -13.51 1.94 11.98
CA ARG A 279 -12.87 3.18 11.56
C ARG A 279 -11.43 2.89 11.12
N GLN A 280 -11.10 3.26 9.89
CA GLN A 280 -9.74 3.07 9.40
C GLN A 280 -9.14 4.44 9.10
N ALA A 281 -7.94 4.66 9.64
CA ALA A 281 -7.19 5.88 9.40
C ALA A 281 -6.19 5.72 8.23
N THR A 282 -5.77 4.49 7.94
CA THR A 282 -4.86 4.22 6.87
C THR A 282 -5.54 4.36 5.50
N ILE A 283 -4.72 4.60 4.46
CA ILE A 283 -5.21 4.63 3.11
C ILE A 283 -5.54 3.21 2.67
N LEU A 284 -4.61 2.29 2.91
CA LEU A 284 -4.87 0.89 2.61
C LEU A 284 -5.95 0.33 3.57
N GLY A 285 -6.62 -0.71 3.10
CA GLY A 285 -7.57 -1.45 3.89
C GLY A 285 -6.87 -2.70 4.36
N THR A 286 -7.02 -3.82 3.63
CA THR A 286 -6.27 -5.04 3.95
C THR A 286 -4.76 -4.71 3.91
N ARG A 287 -4.01 -5.16 4.89
CA ARG A 287 -2.61 -4.82 5.00
C ARG A 287 -1.83 -5.76 5.91
N VAL A 288 -0.53 -5.88 5.63
CA VAL A 288 0.31 -6.79 6.34
C VAL A 288 0.31 -6.47 7.81
N GLY A 289 0.43 -7.54 8.60
CA GLY A 289 0.64 -7.46 10.02
C GLY A 289 2.13 -7.69 10.31
N PHE A 290 2.89 -8.23 9.35
CA PHE A 290 4.31 -8.51 9.69
C PHE A 290 5.20 -7.26 9.82
N GLY A 291 4.77 -6.13 9.25
CA GLY A 291 5.54 -4.87 9.29
C GLY A 291 5.79 -4.40 10.71
N GLY A 292 4.71 -4.35 11.53
CA GLY A 292 4.78 -3.95 12.94
C GLY A 292 5.56 -4.94 13.78
N ALA A 293 5.32 -6.22 13.54
CA ALA A 293 6.04 -7.29 14.26
C ALA A 293 7.53 -7.15 13.96
N CYS A 294 7.91 -7.01 12.69
CA CYS A 294 9.34 -6.81 12.36
C CYS A 294 9.93 -5.54 12.97
N THR A 295 9.19 -4.44 12.87
CA THR A 295 9.65 -3.15 13.34
C THR A 295 9.95 -3.20 14.81
N TYR A 296 9.01 -3.72 15.58
CA TYR A 296 9.18 -3.86 16.99
C TYR A 296 10.35 -4.81 17.35
N ALA A 297 10.39 -5.95 16.69
CA ALA A 297 11.44 -6.95 16.96
C ALA A 297 12.86 -6.45 16.58
N VAL A 298 12.99 -5.76 15.46
CA VAL A 298 14.32 -5.31 15.05
C VAL A 298 14.86 -4.26 16.03
N LEU A 299 13.99 -3.37 16.48
CA LEU A 299 14.36 -2.33 17.44
C LEU A 299 14.77 -2.91 18.79
N ARG A 300 14.11 -3.98 19.21
CA ARG A 300 14.47 -4.69 20.45
C ARG A 300 15.75 -5.51 20.29
N TYR A 301 15.88 -6.20 19.17
CA TYR A 301 16.99 -7.09 18.85
C TYR A 301 18.32 -6.33 18.80
N LEU A 302 18.31 -5.20 18.10
CA LEU A 302 19.50 -4.36 17.98
C LEU A 302 19.74 -3.47 19.18
N GLY A 303 18.66 -2.87 19.71
CA GLY A 303 18.80 -1.86 20.75
C GLY A 303 19.50 -0.65 20.11
N ARG A 304 19.67 0.43 20.87
CA ARG A 304 20.38 1.57 20.36
C ARG A 304 21.81 1.24 20.01
N GLU A 305 22.40 0.31 20.76
CA GLU A 305 23.78 -0.13 20.55
C GLU A 305 24.01 -0.72 19.15
N GLY A 306 23.18 -1.69 18.76
CA GLY A 306 23.28 -2.33 17.45
C GLY A 306 22.98 -1.40 16.29
N GLN A 307 21.93 -0.58 16.40
CA GLN A 307 21.60 0.35 15.34
C GLN A 307 22.69 1.41 15.19
N ARG A 308 23.28 1.83 16.30
CA ARG A 308 24.36 2.78 16.26
C ARG A 308 25.57 2.18 15.52
N LYS A 309 25.85 0.89 15.74
CA LYS A 309 26.96 0.23 15.06
C LYS A 309 26.73 0.13 13.56
N ILE A 310 25.51 -0.22 13.14
CA ILE A 310 25.15 -0.33 11.72
C ILE A 310 25.26 1.05 11.05
N VAL A 311 24.65 2.05 11.66
CA VAL A 311 24.69 3.41 11.14
C VAL A 311 26.15 3.89 11.06
N ASN A 312 26.93 3.69 12.12
CA ASN A 312 28.30 4.18 12.11
C ASN A 312 29.18 3.53 11.05
N GLU A 313 28.98 2.23 10.77
CA GLU A 313 29.77 1.59 9.71
C GLU A 313 29.33 2.13 8.32
N CYS A 314 28.06 2.49 8.19
CA CYS A 314 27.57 3.09 6.92
C CYS A 314 28.24 4.46 6.73
N MSE A 315 28.41 5.21 7.82
CA MSE A 315 29.11 6.50 7.81
C MSE A 315 30.62 6.32 7.53
O MSE A 315 31.22 7.11 6.81
CB MSE A 315 28.88 7.29 9.10
CG MSE A 315 27.42 7.64 9.39
SE MSE A 315 26.54 8.59 7.88
CE MSE A 315 27.69 10.22 7.83
N GLU A 316 31.23 5.28 8.09
CA GLU A 316 32.63 4.98 7.80
C GLU A 316 32.76 4.77 6.29
N ASN A 317 31.91 3.93 5.72
CA ASN A 317 31.95 3.66 4.26
C ASN A 317 31.59 4.90 3.41
N THR A 318 30.71 5.77 3.93
CA THR A 318 30.35 7.03 3.26
C THR A 318 31.57 7.97 3.18
N LEU A 319 32.29 8.10 4.29
CA LEU A 319 33.49 8.95 4.33
C LEU A 319 34.60 8.38 3.46
N TYR A 320 34.75 7.04 3.45
CA TYR A 320 35.70 6.37 2.57
C TYR A 320 35.39 6.69 1.08
N LEU A 321 34.14 6.48 0.65
CA LEU A 321 33.69 6.83 -0.71
C LEU A 321 34.01 8.31 -1.00
N TYR A 322 33.70 9.19 -0.04
CA TYR A 322 33.95 10.63 -0.16
C TYR A 322 35.42 10.94 -0.40
N LYS A 323 36.31 10.30 0.37
CA LYS A 323 37.77 10.47 0.24
C LYS A 323 38.24 9.97 -1.12
N LYS A 324 37.85 8.75 -1.46
CA LYS A 324 38.20 8.15 -2.76
C LYS A 324 37.75 9.05 -3.93
N LEU A 325 36.57 9.64 -3.82
CA LEU A 325 36.09 10.55 -4.89
C LEU A 325 37.03 11.75 -5.05
N LYS A 326 37.30 12.44 -3.95
CA LYS A 326 38.20 13.58 -3.94
C LYS A 326 39.61 13.21 -4.44
N GLU A 327 40.15 12.09 -3.97
CA GLU A 327 41.48 11.62 -4.39
C GLU A 327 41.55 11.38 -5.88
N ASN A 328 40.41 11.01 -6.48
CA ASN A 328 40.32 10.72 -7.92
C ASN A 328 39.79 11.91 -8.76
N ASN A 329 39.80 13.10 -8.18
CA ASN A 329 39.39 14.33 -8.85
C ASN A 329 37.90 14.45 -9.19
N PHE A 330 37.06 13.70 -8.47
CA PHE A 330 35.62 13.83 -8.68
C PHE A 330 35.12 14.90 -7.71
N LYS A 331 33.93 15.41 -7.97
CA LYS A 331 33.38 16.53 -7.19
C LYS A 331 32.07 16.14 -6.49
N PRO A 332 32.15 15.74 -5.20
CA PRO A 332 30.90 15.44 -4.51
C PRO A 332 30.04 16.70 -4.43
N VAL A 333 28.73 16.58 -4.60
CA VAL A 333 27.85 17.75 -4.54
C VAL A 333 28.03 18.52 -3.21
N ILE A 334 28.05 17.78 -2.10
CA ILE A 334 28.26 18.32 -0.78
C ILE A 334 29.14 17.36 0.02
N GLU A 335 29.55 17.77 1.21
CA GLU A 335 30.23 16.88 2.14
C GLU A 335 29.05 16.09 2.74
N PRO A 336 29.11 14.76 2.74
CA PRO A 336 27.93 14.00 3.22
C PRO A 336 27.46 14.38 4.63
N ILE A 337 26.14 14.36 4.84
CA ILE A 337 25.51 14.61 6.16
C ILE A 337 25.13 13.25 6.71
N LEU A 338 24.38 12.51 5.89
CA LEU A 338 23.97 11.16 6.20
C LEU A 338 24.74 10.24 5.24
N ASN A 339 24.30 8.98 5.13
CA ASN A 339 24.97 7.98 4.30
C ASN A 339 24.56 8.04 2.83
N ILE A 340 24.67 9.24 2.27
CA ILE A 340 24.33 9.53 0.87
C ILE A 340 25.38 10.51 0.33
N VAL A 341 26.02 10.10 -0.78
CA VAL A 341 27.02 10.91 -1.49
C VAL A 341 26.54 11.09 -2.94
N ALA A 342 26.57 12.31 -3.46
CA ALA A 342 26.21 12.59 -4.85
C ALA A 342 27.46 13.14 -5.57
N ILE A 343 27.65 12.75 -6.83
CA ILE A 343 28.83 13.12 -7.64
C ILE A 343 28.44 14.05 -8.79
N GLU A 344 28.88 15.31 -8.76
CA GLU A 344 28.56 16.26 -9.82
C GLU A 344 29.12 15.80 -11.16
N ASP A 345 28.25 15.78 -12.17
CA ASP A 345 28.65 15.39 -13.52
C ASP A 345 27.66 15.99 -14.50
N GLU A 346 28.14 16.83 -15.42
CA GLU A 346 27.27 17.41 -16.44
C GLU A 346 26.66 16.30 -17.28
N ASP A 347 27.46 15.26 -17.56
CA ASP A 347 27.00 14.09 -18.32
C ASP A 347 26.61 12.94 -17.36
N TYR A 348 25.73 13.24 -16.40
CA TYR A 348 25.31 12.26 -15.38
C TYR A 348 24.36 11.22 -15.94
N LYS A 349 23.47 11.63 -16.83
CA LYS A 349 22.50 10.71 -17.43
C LYS A 349 23.21 9.62 -18.23
N GLU A 350 24.18 9.99 -19.06
CA GLU A 350 24.93 9.00 -19.86
C GLU A 350 25.94 8.16 -19.08
N VAL A 351 26.61 8.78 -18.12
CA VAL A 351 27.57 8.05 -17.26
C VAL A 351 26.84 7.00 -16.39
N CYS A 352 25.62 7.31 -15.98
CA CYS A 352 24.77 6.40 -15.20
C CYS A 352 24.46 5.14 -16.02
N LYS A 353 24.19 5.34 -17.31
CA LYS A 353 23.88 4.27 -18.28
C LYS A 353 25.15 3.44 -18.54
N LYS A 354 26.28 4.13 -18.71
CA LYS A 354 27.56 3.44 -18.91
C LYS A 354 27.96 2.63 -17.66
N LEU A 355 27.58 3.11 -16.46
CA LEU A 355 27.88 2.38 -15.24
C LEU A 355 27.06 1.09 -15.21
N ARG A 356 25.75 1.13 -15.50
CA ARG A 356 24.97 -0.14 -15.51
C ARG A 356 25.34 -1.09 -16.64
N ASP A 357 25.87 -0.56 -17.76
CA ASP A 357 26.38 -1.43 -18.84
C ASP A 357 27.56 -2.24 -18.27
N ARG A 358 28.25 -1.66 -17.28
CA ARG A 358 29.37 -2.30 -16.58
CA ARG A 358 29.36 -2.34 -16.61
C ARG A 358 28.94 -3.04 -15.31
N GLY A 359 27.65 -3.08 -15.02
CA GLY A 359 27.15 -3.80 -13.83
C GLY A 359 27.02 -3.02 -12.52
N ILE A 360 27.17 -1.71 -12.60
CA ILE A 360 27.07 -0.85 -11.44
C ILE A 360 25.80 -0.07 -11.63
N TYR A 361 24.93 -0.13 -10.65
CA TYR A 361 23.67 0.56 -10.72
C TYR A 361 23.61 1.69 -9.70
N VAL A 362 23.81 2.91 -10.18
CA VAL A 362 23.70 4.09 -9.33
C VAL A 362 22.40 4.81 -9.67
N SER A 363 22.08 5.82 -8.88
CA SER A 363 20.90 6.67 -9.07
C SER A 363 21.33 8.06 -9.60
N VAL A 364 20.37 8.95 -9.84
CA VAL A 364 20.68 10.33 -10.28
C VAL A 364 19.89 11.32 -9.45
N CYS A 365 20.32 12.57 -9.43
CA CYS A 365 19.60 13.61 -8.71
C CYS A 365 18.60 14.29 -9.63
N ASN A 366 17.68 15.06 -9.04
CA ASN A 366 16.62 15.80 -9.73
C ASN A 366 16.96 17.29 -9.83
N CYS A 367 17.42 17.87 -8.72
CA CYS A 367 17.72 19.32 -8.71
C CYS A 367 19.20 19.72 -8.89
N VAL A 368 20.05 18.76 -9.21
CA VAL A 368 21.47 19.02 -9.50
C VAL A 368 21.92 17.93 -10.45
N LYS A 369 22.80 18.24 -11.40
CA LYS A 369 23.29 17.23 -12.36
C LYS A 369 24.34 16.37 -11.65
N ALA A 370 23.87 15.27 -11.06
CA ALA A 370 24.76 14.41 -10.28
C ALA A 370 24.32 12.95 -10.20
N LEU A 371 25.31 12.04 -10.14
CA LEU A 371 25.04 10.62 -9.86
C LEU A 371 24.74 10.63 -8.37
N ARG A 372 23.99 9.64 -7.89
CA ARG A 372 23.57 9.59 -6.49
C ARG A 372 23.80 8.17 -5.94
N ILE A 373 24.51 8.08 -4.81
CA ILE A 373 24.84 6.81 -4.17
C ILE A 373 24.28 6.80 -2.75
N VAL A 374 23.52 5.75 -2.41
CA VAL A 374 23.04 5.55 -1.02
C VAL A 374 23.94 4.44 -0.43
N VAL A 375 24.72 4.80 0.58
CA VAL A 375 25.65 3.85 1.21
C VAL A 375 24.92 3.04 2.31
N MSE A 376 24.14 2.09 1.84
CA MSE A 376 23.37 1.23 2.71
C MSE A 376 24.33 0.21 3.30
O MSE A 376 25.47 0.11 2.84
CB MSE A 376 22.26 0.54 1.90
CG MSE A 376 21.17 1.47 1.35
SE MSE A 376 20.19 2.40 2.76
CE MSE A 376 19.11 0.96 3.48
N PRO A 377 23.89 -0.58 4.31
CA PRO A 377 24.81 -1.56 4.88
C PRO A 377 25.39 -2.64 3.93
N HIS A 378 24.85 -2.79 2.72
CA HIS A 378 25.34 -3.79 1.79
C HIS A 378 26.55 -3.29 1.02
N ILE A 379 26.82 -1.98 1.10
CA ILE A 379 27.98 -1.39 0.43
C ILE A 379 29.19 -1.39 1.39
N LYS A 380 30.22 -2.13 0.99
CA LYS A 380 31.46 -2.28 1.73
C LYS A 380 32.58 -1.60 0.99
N ARG A 381 33.75 -1.46 1.63
CA ARG A 381 34.90 -0.82 0.98
C ARG A 381 35.27 -1.47 -0.35
N GLU A 382 35.28 -2.79 -0.39
CA GLU A 382 35.55 -3.57 -1.60
C GLU A 382 34.72 -3.08 -2.78
N HIS A 383 33.43 -2.80 -2.54
CA HIS A 383 32.51 -2.35 -3.59
C HIS A 383 32.79 -0.91 -3.97
N ILE A 384 33.12 -0.09 -2.99
CA ILE A 384 33.48 1.31 -3.22
C ILE A 384 34.75 1.35 -4.07
N ASP A 385 35.74 0.50 -3.76
CA ASP A 385 36.99 0.43 -4.53
C ASP A 385 36.70 0.07 -5.98
N ASN A 386 35.91 -0.99 -6.16
CA ASN A 386 35.50 -1.48 -7.46
C ASN A 386 34.73 -0.42 -8.26
N PHE A 387 33.84 0.32 -7.60
CA PHE A 387 33.08 1.40 -8.25
C PHE A 387 33.99 2.54 -8.81
N ILE A 388 34.97 2.94 -8.00
CA ILE A 388 35.94 3.97 -8.42
C ILE A 388 36.77 3.54 -9.66
N GLU A 389 37.15 2.26 -9.74
CA GLU A 389 37.91 1.74 -10.91
C GLU A 389 37.06 1.71 -12.18
N ILE A 390 35.79 1.32 -12.04
CA ILE A 390 34.89 1.30 -13.20
C ILE A 390 34.62 2.74 -13.64
N LEU A 391 34.40 3.65 -12.69
CA LEU A 391 34.14 5.07 -13.04
C LEU A 391 35.38 5.75 -13.66
N ASN A 392 36.59 5.48 -13.15
CA ASN A 392 37.82 6.02 -13.74
C ASN A 392 38.04 5.47 -15.15
N SER A 393 37.67 4.21 -15.33
CA SER A 393 37.78 3.51 -16.60
C SER A 393 36.81 4.10 -17.63
N ILE A 394 35.60 4.46 -17.18
CA ILE A 394 34.61 5.11 -18.05
C ILE A 394 35.09 6.52 -18.49
N LYS A 395 36.03 7.08 -17.72
CA LYS A 395 36.64 8.39 -18.00
C LYS A 395 38.18 8.31 -18.19
N ASN B 4 9.79 1.78 25.63
CA ASN B 4 11.04 2.61 25.40
C ASN B 4 12.20 1.86 24.73
N MSE B 5 12.90 2.54 23.85
CA MSE B 5 14.14 2.04 23.21
C MSE B 5 15.20 1.88 24.26
O MSE B 5 15.51 2.83 24.97
CB MSE B 5 14.67 3.07 22.21
CG MSE B 5 14.03 2.97 20.86
SE MSE B 5 14.87 1.51 19.93
CE MSE B 5 16.13 2.24 18.76
N GLN B 6 15.78 0.68 24.37
CA GLN B 6 16.87 0.43 25.31
C GLN B 6 18.18 0.46 24.57
N GLU B 7 19.24 0.64 25.34
CA GLU B 7 20.60 0.66 24.84
C GLU B 7 21.04 -0.75 24.34
N LYS B 8 20.89 -1.75 25.18
CA LYS B 8 21.32 -3.09 24.84
C LYS B 8 20.25 -3.85 24.07
N GLY B 9 20.69 -4.65 23.10
CA GLY B 9 19.82 -5.51 22.34
C GLY B 9 19.41 -6.77 23.09
N VAL B 10 18.27 -7.32 22.71
CA VAL B 10 17.74 -8.55 23.27
C VAL B 10 18.05 -9.68 22.27
N SER B 11 18.22 -10.89 22.75
CA SER B 11 18.55 -11.99 21.87
C SER B 11 17.39 -12.33 20.90
N GLU B 12 17.76 -12.93 19.77
CA GLU B 12 16.79 -13.38 18.78
C GLU B 12 15.75 -14.33 19.37
N LYS B 13 16.23 -15.23 20.20
CA LYS B 13 15.38 -16.26 20.84
C LYS B 13 14.39 -15.63 21.78
N GLU B 14 14.86 -14.70 22.60
CA GLU B 14 14.01 -13.96 23.51
C GLU B 14 12.91 -13.22 22.73
N ILE B 15 13.28 -12.49 21.69
CA ILE B 15 12.27 -11.73 20.98
CA ILE B 15 12.32 -11.73 20.87
C ILE B 15 11.31 -12.60 20.15
N LEU B 16 11.80 -13.68 19.52
CA LEU B 16 10.88 -14.55 18.79
C LEU B 16 9.83 -15.18 19.76
N GLU B 17 10.25 -15.52 20.98
CA GLU B 17 9.33 -16.07 22.00
C GLU B 17 8.24 -15.06 22.38
N GLU B 18 8.61 -13.81 22.63
CA GLU B 18 7.63 -12.78 22.93
C GLU B 18 6.65 -12.61 21.76
N LEU B 19 7.17 -12.51 20.55
CA LEU B 19 6.31 -12.36 19.37
C LEU B 19 5.34 -13.53 19.23
N LYS B 20 5.81 -14.75 19.55
CA LYS B 20 4.95 -15.93 19.47
C LYS B 20 3.84 -15.89 20.54
N LYS B 21 4.14 -15.28 21.71
CA LYS B 21 3.14 -15.03 22.75
C LYS B 21 2.03 -14.14 22.22
N TYR B 22 2.37 -13.05 21.53
CA TYR B 22 1.39 -12.14 20.90
C TYR B 22 0.59 -12.84 19.81
N ARG B 23 1.29 -13.62 18.99
CA ARG B 23 0.67 -14.36 17.90
CA ARG B 23 0.65 -14.34 17.90
C ARG B 23 -0.41 -15.29 18.45
N SER B 24 -0.15 -15.85 19.64
CA SER B 24 -1.07 -16.78 20.31
C SER B 24 -2.38 -16.11 20.72
N LEU B 25 -2.41 -14.79 20.79
CA LEU B 25 -3.64 -14.03 21.06
C LEU B 25 -4.48 -13.79 19.80
N ASP B 26 -3.90 -14.01 18.61
CA ASP B 26 -4.64 -13.85 17.35
C ASP B 26 -5.50 -15.06 17.03
N LEU B 27 -6.54 -14.82 16.27
CA LEU B 27 -7.31 -15.91 15.68
C LEU B 27 -6.48 -16.42 14.51
N LYS B 28 -6.75 -17.66 14.13
CA LYS B 28 -6.12 -18.30 12.99
C LYS B 28 -7.27 -18.76 12.11
N TYR B 29 -7.16 -18.57 10.80
CA TYR B 29 -8.20 -18.94 9.86
C TYR B 29 -8.61 -20.39 9.96
N GLU B 30 -7.63 -21.29 10.13
CA GLU B 30 -7.87 -22.73 10.14
C GLU B 30 -8.68 -23.24 11.33
N ASP B 31 -8.83 -22.44 12.38
CA ASP B 31 -9.56 -22.83 13.61
C ASP B 31 -11.11 -22.71 13.57
N GLY B 32 -11.69 -22.10 12.54
CA GLY B 32 -13.17 -21.97 12.47
C GLY B 32 -13.82 -20.94 13.36
N ASN B 33 -13.09 -19.86 13.67
CA ASN B 33 -13.61 -18.73 14.45
C ASN B 33 -13.94 -17.57 13.50
N ILE B 34 -13.22 -17.48 12.37
CA ILE B 34 -13.34 -16.35 11.38
C ILE B 34 -14.35 -16.66 10.27
N PHE B 35 -15.49 -15.99 10.34
CA PHE B 35 -16.58 -16.16 9.38
C PHE B 35 -16.86 -14.92 8.52
N GLY B 36 -16.20 -13.79 8.78
CA GLY B 36 -16.54 -12.57 8.10
C GLY B 36 -15.39 -11.91 7.37
N SER B 37 -14.39 -12.70 6.99
CA SER B 37 -13.23 -12.19 6.27
C SER B 37 -13.15 -12.69 4.82
N MSE B 38 -12.70 -11.83 3.92
CA MSE B 38 -12.44 -12.15 2.50
C MSE B 38 -10.97 -12.59 2.29
O MSE B 38 -10.51 -12.85 1.17
CB MSE B 38 -12.81 -10.98 1.63
CG MSE B 38 -14.30 -10.79 1.53
SE MSE B 38 -14.74 -9.30 0.37
CE MSE B 38 -16.41 -10.05 -0.24
N CYS B 39 -10.25 -12.72 3.39
CA CYS B 39 -8.93 -13.32 3.39
C CYS B 39 -8.99 -14.69 4.06
N SER B 40 -8.01 -15.52 3.79
CA SER B 40 -7.96 -16.84 4.33
C SER B 40 -6.51 -17.34 4.33
N ASN B 41 -6.35 -18.63 4.64
CA ASN B 41 -5.06 -19.31 4.58
C ASN B 41 -4.48 -19.21 3.17
N VAL B 42 -3.18 -18.97 3.10
CA VAL B 42 -2.49 -18.87 1.85
C VAL B 42 -2.16 -20.29 1.35
N LEU B 43 -2.07 -20.46 0.03
CA LEU B 43 -1.54 -21.74 -0.48
C LEU B 43 -0.12 -21.89 0.07
N PRO B 44 0.21 -23.04 0.68
CA PRO B 44 1.55 -23.20 1.29
C PRO B 44 2.76 -22.89 0.40
N ILE B 45 2.63 -23.13 -0.91
CA ILE B 45 3.71 -22.85 -1.84
C ILE B 45 4.15 -21.39 -1.77
N THR B 46 3.19 -20.49 -1.52
CA THR B 46 3.45 -19.07 -1.45
C THR B 46 4.46 -18.68 -0.33
N ARG B 47 4.59 -19.50 0.71
CA ARG B 47 5.53 -19.19 1.81
C ARG B 47 6.95 -19.23 1.31
N LYS B 48 7.24 -20.21 0.47
CA LYS B 48 8.55 -20.35 -0.16
C LYS B 48 8.81 -19.20 -1.10
N ILE B 49 7.78 -18.81 -1.82
CA ILE B 49 7.86 -17.70 -2.79
C ILE B 49 8.12 -16.35 -2.08
N VAL B 50 7.42 -16.09 -0.99
CA VAL B 50 7.64 -14.90 -0.19
C VAL B 50 9.10 -14.85 0.25
N ASP B 51 9.61 -15.97 0.74
CA ASP B 51 10.98 -15.98 1.20
C ASP B 51 11.99 -15.67 0.06
N ILE B 52 11.82 -16.32 -1.08
CA ILE B 52 12.70 -16.12 -2.22
C ILE B 52 12.68 -14.68 -2.76
N PHE B 53 11.50 -14.04 -2.78
CA PHE B 53 11.32 -12.71 -3.34
C PHE B 53 11.16 -11.57 -2.33
N LEU B 54 11.44 -11.85 -1.06
CA LEU B 54 11.35 -10.89 0.02
C LEU B 54 12.20 -9.65 -0.25
N GLU B 55 13.43 -9.84 -0.71
CA GLU B 55 14.33 -8.75 -1.01
C GLU B 55 14.28 -8.29 -2.47
N THR B 56 13.07 -7.93 -2.90
CA THR B 56 12.78 -7.34 -4.20
C THR B 56 11.93 -6.10 -3.92
N ASN B 57 11.77 -5.24 -4.92
CA ASN B 57 11.08 -3.97 -4.78
C ASN B 57 10.63 -3.54 -6.17
N LEU B 58 9.34 -3.66 -6.48
CA LEU B 58 8.85 -3.28 -7.81
C LEU B 58 8.70 -1.78 -8.02
N GLY B 59 9.11 -1.00 -7.01
CA GLY B 59 9.17 0.44 -7.15
C GLY B 59 10.48 0.85 -7.81
N ASP B 60 11.43 -0.08 -7.90
CA ASP B 60 12.72 0.12 -8.62
C ASP B 60 12.97 -1.12 -9.49
N PRO B 61 12.08 -1.37 -10.46
CA PRO B 61 12.09 -2.60 -11.27
C PRO B 61 13.33 -2.83 -12.14
N GLY B 62 14.13 -1.79 -12.40
CA GLY B 62 15.37 -1.93 -13.18
C GLY B 62 16.43 -2.79 -12.50
N LEU B 63 16.32 -2.89 -11.18
CA LEU B 63 17.23 -3.69 -10.35
C LEU B 63 16.75 -5.13 -10.20
N PHE B 64 15.46 -5.39 -10.46
CA PHE B 64 14.84 -6.71 -10.27
C PHE B 64 14.06 -7.09 -11.53
N LYS B 65 14.81 -7.32 -12.61
CA LYS B 65 14.24 -7.55 -13.94
C LYS B 65 13.42 -8.82 -14.01
N GLY B 66 13.83 -9.87 -13.31
CA GLY B 66 13.07 -11.12 -13.30
C GLY B 66 11.75 -11.00 -12.54
N THR B 67 11.80 -10.31 -11.39
CA THR B 67 10.63 -10.07 -10.57
C THR B 67 9.64 -9.18 -11.33
N LYS B 68 10.17 -8.18 -12.05
CA LYS B 68 9.35 -7.31 -12.90
C LYS B 68 8.66 -8.13 -14.01
N LEU B 69 9.44 -8.98 -14.71
CA LEU B 69 8.87 -9.92 -15.69
C LEU B 69 7.76 -10.77 -15.09
N LEU B 70 7.99 -11.28 -13.88
CA LEU B 70 6.96 -12.04 -13.18
C LEU B 70 5.69 -11.23 -12.91
N GLU B 71 5.82 -9.96 -12.53
CA GLU B 71 4.65 -9.10 -12.36
C GLU B 71 3.87 -9.01 -13.67
N GLU B 72 4.56 -8.83 -14.78
CA GLU B 72 3.92 -8.75 -16.10
C GLU B 72 3.22 -10.07 -16.50
N LYS B 73 3.84 -11.20 -16.14
CA LYS B 73 3.26 -12.50 -16.37
C LYS B 73 2.06 -12.78 -15.48
N ALA B 74 2.07 -12.32 -14.23
CA ALA B 74 0.89 -12.47 -13.34
C ALA B 74 -0.28 -11.67 -13.95
N VAL B 75 0.01 -10.46 -14.39
CA VAL B 75 -0.99 -9.58 -15.03
C VAL B 75 -1.49 -10.18 -16.35
N ALA B 76 -0.61 -10.79 -17.17
CA ALA B 76 -1.03 -11.46 -18.43
C ALA B 76 -1.96 -12.65 -18.15
N LEU B 77 -1.70 -13.41 -17.08
CA LEU B 77 -2.51 -14.54 -16.72
C LEU B 77 -3.88 -14.08 -16.27
N LEU B 78 -3.93 -13.01 -15.47
CA LEU B 78 -5.22 -12.43 -15.05
C LEU B 78 -5.97 -11.87 -16.25
N GLY B 79 -5.25 -11.24 -17.19
CA GLY B 79 -5.81 -10.72 -18.42
C GLY B 79 -6.45 -11.84 -19.25
N SER B 80 -5.73 -12.93 -19.41
CA SER B 80 -6.20 -14.13 -20.12
C SER B 80 -7.48 -14.59 -19.44
N LEU B 81 -7.45 -14.67 -18.12
CA LEU B 81 -8.63 -15.06 -17.35
C LEU B 81 -9.85 -14.13 -17.54
N LEU B 82 -9.58 -12.83 -17.74
CA LEU B 82 -10.59 -11.79 -17.93
C LEU B 82 -10.79 -11.42 -19.40
N ASN B 83 -10.34 -12.28 -20.30
CA ASN B 83 -10.58 -12.17 -21.75
C ASN B 83 -9.95 -10.96 -22.38
N ASN B 84 -8.68 -10.71 -22.03
CA ASN B 84 -7.94 -9.59 -22.57
C ASN B 84 -6.48 -9.90 -22.56
N LYS B 85 -5.98 -10.28 -23.73
CA LYS B 85 -4.58 -10.61 -23.95
C LYS B 85 -3.63 -9.40 -23.98
N ASP B 86 -4.16 -8.19 -24.04
CA ASP B 86 -3.34 -6.99 -24.08
C ASP B 86 -3.54 -6.11 -22.86
N ALA B 87 -4.00 -6.69 -21.75
CA ALA B 87 -4.25 -5.89 -20.56
C ALA B 87 -2.94 -5.29 -20.04
N TYR B 88 -3.08 -4.10 -19.48
CA TYR B 88 -2.00 -3.41 -18.84
C TYR B 88 -2.36 -3.27 -17.37
N GLY B 89 -1.45 -3.61 -16.49
CA GLY B 89 -1.76 -3.50 -15.09
C GLY B 89 -0.62 -3.79 -14.16
N HIS B 90 -0.97 -3.90 -12.90
CA HIS B 90 -0.05 -4.14 -11.81
C HIS B 90 -0.63 -5.03 -10.75
N ILE B 91 0.25 -5.73 -10.05
CA ILE B 91 -0.09 -6.50 -8.86
C ILE B 91 0.28 -5.52 -7.74
N VAL B 92 -0.76 -4.90 -7.19
CA VAL B 92 -0.63 -3.80 -6.22
C VAL B 92 -0.88 -4.25 -4.79
N SER B 93 -1.10 -3.29 -3.89
CA SER B 93 -1.24 -3.62 -2.49
C SER B 93 -2.53 -4.25 -2.06
N GLY B 94 -3.57 -4.06 -2.87
CA GLY B 94 -4.89 -4.55 -2.53
C GLY B 94 -5.91 -3.90 -3.46
N GLY B 95 -7.17 -4.27 -3.23
CA GLY B 95 -8.30 -3.77 -3.95
C GLY B 95 -8.47 -2.28 -3.78
N THR B 96 -8.10 -1.75 -2.62
CA THR B 96 -8.24 -0.33 -2.35
C THR B 96 -7.32 0.47 -3.26
N GLU B 97 -6.03 0.13 -3.33
CA GLU B 97 -5.13 0.85 -4.22
C GLU B 97 -5.58 0.72 -5.68
N ALA B 98 -6.08 -0.46 -6.01
CA ALA B 98 -6.56 -0.76 -7.35
C ALA B 98 -7.73 0.17 -7.69
N ASN B 99 -8.70 0.26 -6.80
CA ASN B 99 -9.86 1.14 -6.97
C ASN B 99 -9.46 2.60 -7.04
N LEU B 100 -8.55 3.02 -6.16
CA LEU B 100 -8.04 4.38 -6.17
C LEU B 100 -7.33 4.73 -7.50
N MSE B 101 -6.56 3.80 -8.04
CA MSE B 101 -5.94 3.99 -9.35
C MSE B 101 -6.95 4.10 -10.49
O MSE B 101 -6.74 4.89 -11.42
CB MSE B 101 -4.95 2.88 -9.63
CG MSE B 101 -3.67 3.02 -8.82
SE MSE B 101 -2.53 1.42 -8.91
CE MSE B 101 -2.07 1.48 -10.86
N ALA B 102 -8.04 3.32 -10.45
CA ALA B 102 -9.10 3.45 -11.45
C ALA B 102 -9.77 4.85 -11.35
N LEU B 103 -10.00 5.32 -10.12
CA LEU B 103 -10.58 6.63 -9.83
C LEU B 103 -9.66 7.76 -10.30
N ARG B 104 -8.34 7.56 -10.14
CA ARG B 104 -7.34 8.47 -10.64
C ARG B 104 -7.37 8.61 -12.13
N CYS B 105 -7.49 7.48 -12.79
CA CYS B 105 -7.57 7.45 -14.23
C CYS B 105 -8.83 8.21 -14.70
N ILE B 106 -9.97 7.93 -14.09
CA ILE B 106 -11.24 8.62 -14.39
C ILE B 106 -11.08 10.12 -14.18
N LYS B 107 -10.49 10.51 -13.04
CA LYS B 107 -10.27 11.92 -12.75
C LYS B 107 -9.35 12.62 -13.77
N ASN B 108 -8.30 11.95 -14.19
CA ASN B 108 -7.34 12.55 -15.15
C ASN B 108 -7.81 12.67 -16.59
N ILE B 109 -8.67 11.76 -17.01
CA ILE B 109 -9.36 11.84 -18.30
C ILE B 109 -10.28 13.10 -18.23
N TRP B 110 -10.96 13.26 -17.09
CA TRP B 110 -11.82 14.43 -16.87
C TRP B 110 -11.01 15.72 -16.85
N ARG B 111 -9.88 15.69 -16.16
CA ARG B 111 -9.03 16.89 -15.99
C ARG B 111 -8.56 17.38 -17.37
N GLU B 112 -8.26 16.45 -18.25
CA GLU B 112 -7.82 16.76 -19.61
C GLU B 112 -8.93 17.45 -20.39
N LYS B 113 -10.14 16.91 -20.29
CA LYS B 113 -11.29 17.55 -20.93
C LYS B 113 -11.48 18.97 -20.39
N ARG B 114 -11.46 19.11 -19.06
CA ARG B 114 -11.65 20.37 -18.35
C ARG B 114 -10.63 21.43 -18.77
N ARG B 115 -9.35 21.02 -18.88
CA ARG B 115 -8.28 21.94 -19.27
C ARG B 115 -8.32 22.30 -20.75
N LYS B 116 -9.13 21.59 -21.53
CA LYS B 116 -9.39 21.91 -22.94
C LYS B 116 -10.67 22.71 -23.13
N GLY B 117 -11.37 23.03 -22.04
CA GLY B 117 -12.67 23.68 -22.10
C GLY B 117 -13.74 22.73 -22.58
N LEU B 118 -13.52 21.41 -22.42
CA LEU B 118 -14.42 20.37 -22.94
C LEU B 118 -15.20 19.59 -21.88
N SER B 119 -15.28 20.15 -20.67
CA SER B 119 -16.09 19.62 -19.61
C SER B 119 -16.68 20.77 -18.79
N LYS B 120 -17.97 20.67 -18.47
CA LYS B 120 -18.62 21.69 -17.65
C LYS B 120 -18.59 21.33 -16.16
N ASN B 121 -18.08 20.14 -15.83
CA ASN B 121 -18.00 19.70 -14.43
C ASN B 121 -16.79 20.28 -13.74
N GLU B 122 -17.02 20.89 -12.57
CA GLU B 122 -15.92 21.43 -11.76
C GLU B 122 -15.18 20.33 -11.04
N HIS B 123 -15.83 19.19 -10.84
CA HIS B 123 -15.22 17.96 -10.25
C HIS B 123 -15.73 16.77 -11.07
N PRO B 124 -14.97 15.66 -11.13
CA PRO B 124 -15.50 14.50 -11.87
C PRO B 124 -16.82 13.98 -11.28
N LYS B 125 -17.81 13.71 -12.13
CA LYS B 125 -19.06 13.13 -11.69
C LYS B 125 -18.99 11.65 -12.01
N ILE B 126 -19.05 10.83 -10.98
CA ILE B 126 -18.96 9.38 -11.11
C ILE B 126 -20.20 8.71 -10.51
N ILE B 127 -20.82 7.78 -11.24
CA ILE B 127 -21.99 7.02 -10.73
C ILE B 127 -21.49 5.79 -9.96
N VAL B 128 -21.86 5.72 -8.69
CA VAL B 128 -21.42 4.69 -7.80
C VAL B 128 -22.61 4.06 -7.05
N PRO B 129 -22.73 2.73 -7.07
CA PRO B 129 -23.80 2.11 -6.30
C PRO B 129 -23.55 2.22 -4.79
N ILE B 130 -24.62 2.20 -4.00
CA ILE B 130 -24.55 2.31 -2.51
C ILE B 130 -23.95 1.03 -1.87
N THR B 131 -23.84 -0.02 -2.66
CA THR B 131 -23.22 -1.25 -2.28
C THR B 131 -21.69 -1.22 -2.51
N ALA B 132 -21.18 -0.07 -2.98
CA ALA B 132 -19.75 0.08 -3.28
C ALA B 132 -18.93 -0.01 -2.00
N HIS B 133 -17.76 -0.64 -2.12
CA HIS B 133 -16.83 -0.81 -1.00
C HIS B 133 -16.36 0.58 -0.55
N PHE B 134 -16.04 0.70 0.74
CA PHE B 134 -15.64 1.99 1.32
C PHE B 134 -14.33 2.57 0.77
N SER B 135 -13.55 1.79 0.01
CA SER B 135 -12.40 2.34 -0.68
C SER B 135 -12.88 3.44 -1.60
N PHE B 136 -14.10 3.34 -2.13
CA PHE B 136 -14.66 4.43 -2.97
C PHE B 136 -14.93 5.71 -2.19
N GLU B 137 -15.21 5.58 -0.89
CA GLU B 137 -15.43 6.73 -0.04
C GLU B 137 -14.06 7.37 0.23
N LYS B 138 -13.05 6.57 0.49
CA LYS B 138 -11.68 7.08 0.65
C LYS B 138 -11.25 7.90 -0.57
N GLY B 139 -11.52 7.40 -1.78
CA GLY B 139 -11.24 8.13 -3.03
C GLY B 139 -12.02 9.42 -3.23
N ARG B 140 -13.28 9.42 -2.89
CA ARG B 140 -14.14 10.60 -2.98
C ARG B 140 -13.60 11.67 -2.08
N GLU B 141 -13.31 11.29 -0.84
CA GLU B 141 -12.81 12.21 0.19
C GLU B 141 -11.42 12.80 -0.17
N MSE B 142 -10.50 11.96 -0.63
CA MSE B 142 -9.17 12.44 -1.01
C MSE B 142 -9.12 13.24 -2.29
O MSE B 142 -8.46 14.28 -2.34
CB MSE B 142 -8.20 11.28 -1.22
CG MSE B 142 -7.55 10.76 0.05
SE MSE B 142 -6.58 9.08 -0.44
CE MSE B 142 -5.33 9.78 -1.76
N MSE B 143 -9.79 12.74 -3.33
CA MSE B 143 -9.69 13.31 -4.66
C MSE B 143 -10.74 14.31 -5.05
O MSE B 143 -10.74 14.78 -6.20
CB MSE B 143 -9.69 12.16 -5.66
CG MSE B 143 -8.39 11.32 -5.60
SE MSE B 143 -8.33 9.88 -6.95
CE MSE B 143 -8.65 8.64 -5.82
N ASP B 144 -11.64 14.65 -4.11
CA ASP B 144 -12.74 15.59 -4.38
C ASP B 144 -13.55 15.22 -5.62
N LEU B 145 -14.10 14.02 -5.54
CA LEU B 145 -14.89 13.45 -6.60
C LEU B 145 -16.33 13.72 -6.23
N GLU B 146 -17.17 13.93 -7.23
CA GLU B 146 -18.60 14.13 -6.99
C GLU B 146 -19.35 12.87 -7.35
N TYR B 147 -19.92 12.20 -6.36
CA TYR B 147 -20.64 10.97 -6.64
C TYR B 147 -22.14 11.16 -6.83
N ILE B 148 -22.68 10.44 -7.81
CA ILE B 148 -24.10 10.33 -8.05
C ILE B 148 -24.36 8.90 -7.56
N TYR B 149 -24.95 8.80 -6.38
CA TYR B 149 -25.16 7.50 -5.75
C TYR B 149 -26.31 6.77 -6.43
N ALA B 150 -26.05 5.55 -6.91
CA ALA B 150 -27.07 4.78 -7.57
C ALA B 150 -27.76 3.83 -6.57
N PRO B 151 -29.11 3.80 -6.63
CA PRO B 151 -29.86 2.89 -5.75
C PRO B 151 -29.76 1.45 -6.23
N ILE B 152 -30.08 0.52 -5.35
CA ILE B 152 -30.05 -0.89 -5.72
C ILE B 152 -31.49 -1.38 -5.78
N LYS B 153 -31.66 -2.50 -6.47
CA LYS B 153 -32.95 -3.09 -6.66
C LYS B 153 -33.14 -4.12 -5.58
N GLU B 154 -34.30 -4.75 -5.58
CA GLU B 154 -34.65 -5.78 -4.62
C GLU B 154 -33.64 -6.92 -4.53
N ASP B 155 -32.89 -7.16 -5.61
CA ASP B 155 -31.91 -8.23 -5.66
C ASP B 155 -30.48 -7.79 -5.32
N TYR B 156 -30.36 -6.56 -4.80
CA TYR B 156 -29.13 -5.95 -4.34
C TYR B 156 -28.09 -5.70 -5.44
N THR B 157 -28.59 -5.42 -6.65
CA THR B 157 -27.76 -5.06 -7.80
C THR B 157 -28.17 -3.63 -8.19
N ILE B 158 -27.27 -2.93 -8.84
CA ILE B 158 -27.47 -1.54 -9.25
C ILE B 158 -28.68 -1.41 -10.18
N ASP B 159 -29.44 -0.35 -9.98
CA ASP B 159 -30.61 -0.05 -10.79
C ASP B 159 -30.09 0.52 -12.13
N GLU B 160 -30.13 -0.29 -13.18
CA GLU B 160 -29.61 0.10 -14.50
C GLU B 160 -30.42 1.24 -15.14
N LYS B 161 -31.70 1.32 -14.84
CA LYS B 161 -32.53 2.38 -15.38
C LYS B 161 -32.10 3.69 -14.77
N PHE B 162 -31.84 3.69 -13.47
CA PHE B 162 -31.31 4.90 -12.82
C PHE B 162 -30.01 5.41 -13.48
N VAL B 163 -29.08 4.50 -13.80
CA VAL B 163 -27.81 4.87 -14.43
C VAL B 163 -28.01 5.46 -15.83
N LYS B 164 -28.92 4.87 -16.60
CA LYS B 164 -29.19 5.34 -17.94
C LYS B 164 -29.79 6.75 -17.91
N ASP B 165 -30.73 6.98 -16.97
CA ASP B 165 -31.34 8.29 -16.73
C ASP B 165 -30.33 9.34 -16.25
N ALA B 166 -29.44 8.95 -15.34
CA ALA B 166 -28.40 9.85 -14.81
C ALA B 166 -27.44 10.30 -15.93
N VAL B 167 -27.06 9.35 -16.78
CA VAL B 167 -26.17 9.62 -17.90
C VAL B 167 -26.83 10.59 -18.87
N GLU B 168 -28.15 10.57 -18.94
CA GLU B 168 -28.88 11.46 -19.82
C GLU B 168 -28.99 12.85 -19.19
N ASP B 169 -29.26 12.89 -17.88
CA ASP B 169 -29.45 14.17 -17.18
C ASP B 169 -28.18 14.89 -16.80
N TYR B 170 -27.08 14.18 -16.57
CA TYR B 170 -25.81 14.84 -16.22
C TYR B 170 -24.69 14.49 -17.16
N ASP B 171 -23.60 15.25 -17.04
CA ASP B 171 -22.40 14.98 -17.76
C ASP B 171 -21.66 14.03 -16.80
N VAL B 172 -21.64 12.75 -17.14
CA VAL B 172 -21.01 11.73 -16.30
C VAL B 172 -19.60 11.35 -16.79
N ASP B 173 -18.67 11.34 -15.84
CA ASP B 173 -17.26 11.06 -16.11
C ASP B 173 -16.85 9.61 -15.82
N GLY B 174 -17.68 8.86 -15.10
CA GLY B 174 -17.36 7.49 -14.82
C GLY B 174 -18.53 6.70 -14.26
N ILE B 175 -18.50 5.40 -14.51
CA ILE B 175 -19.50 4.49 -13.99
C ILE B 175 -18.74 3.41 -13.27
N ILE B 176 -19.20 3.05 -12.07
CA ILE B 176 -18.61 1.94 -11.26
C ILE B 176 -19.63 0.78 -11.21
N GLY B 177 -19.21 -0.40 -11.64
CA GLY B 177 -20.06 -1.61 -11.48
C GLY B 177 -19.29 -2.57 -10.58
N ILE B 178 -20.01 -3.38 -9.82
CA ILE B 178 -19.39 -4.35 -8.89
C ILE B 178 -19.70 -5.81 -9.27
N ALA B 179 -18.66 -6.62 -9.37
CA ALA B 179 -18.82 -8.03 -9.73
C ALA B 179 -18.48 -8.84 -8.45
N GLY B 180 -19.48 -8.99 -7.57
CA GLY B 180 -19.31 -9.68 -6.29
C GLY B 180 -19.23 -8.66 -5.15
N THR B 181 -20.37 -8.12 -4.74
CA THR B 181 -20.39 -7.08 -3.72
C THR B 181 -19.84 -7.55 -2.39
N THR B 182 -19.18 -6.62 -1.69
CA THR B 182 -18.59 -6.87 -0.38
C THR B 182 -19.62 -7.46 0.55
N GLU B 183 -20.82 -6.89 0.59
CA GLU B 183 -21.81 -7.32 1.56
C GLU B 183 -22.52 -8.62 1.26
N LEU B 184 -22.92 -8.83 0.01
CA LEU B 184 -23.77 -9.97 -0.35
C LEU B 184 -23.31 -10.91 -1.47
N GLY B 185 -22.22 -10.56 -2.16
CA GLY B 185 -21.71 -11.35 -3.24
C GLY B 185 -22.52 -11.22 -4.51
N THR B 186 -23.36 -10.18 -4.61
CA THR B 186 -24.18 -9.95 -5.80
C THR B 186 -23.33 -9.38 -6.94
N ILE B 187 -23.86 -9.51 -8.16
CA ILE B 187 -23.17 -9.07 -9.36
C ILE B 187 -24.02 -8.04 -10.11
N ASP B 188 -23.52 -6.82 -10.27
CA ASP B 188 -24.25 -5.83 -11.05
C ASP B 188 -24.33 -6.28 -12.51
N ASN B 189 -25.28 -5.72 -13.23
CA ASN B 189 -25.47 -6.03 -14.64
C ASN B 189 -24.48 -5.22 -15.44
N ILE B 190 -23.24 -5.72 -15.48
CA ILE B 190 -22.13 -5.05 -16.15
C ILE B 190 -22.36 -5.00 -17.65
N GLU B 191 -23.10 -5.97 -18.17
CA GLU B 191 -23.38 -6.00 -19.58
C GLU B 191 -24.18 -4.76 -19.97
N GLU B 192 -25.25 -4.47 -19.23
CA GLU B 192 -26.03 -3.27 -19.49
C GLU B 192 -25.26 -1.98 -19.16
N LEU B 193 -24.50 -2.01 -18.08
CA LEU B 193 -23.71 -0.82 -17.70
C LEU B 193 -22.70 -0.49 -18.76
N SER B 194 -22.07 -1.52 -19.32
CA SER B 194 -21.05 -1.32 -20.36
C SER B 194 -21.67 -0.84 -21.68
N LYS B 195 -22.91 -1.26 -21.96
CA LYS B 195 -23.65 -0.81 -23.15
C LYS B 195 -23.90 0.69 -23.01
N ILE B 196 -24.38 1.12 -21.85
CA ILE B 196 -24.63 2.53 -21.55
C ILE B 196 -23.31 3.31 -21.65
N ALA B 197 -22.24 2.77 -21.05
CA ALA B 197 -20.89 3.37 -21.08
C ALA B 197 -20.35 3.55 -22.52
N LYS B 198 -20.42 2.50 -23.34
CA LYS B 198 -19.96 2.55 -24.74
C LYS B 198 -20.76 3.53 -25.64
N GLU B 199 -22.07 3.51 -25.50
CA GLU B 199 -22.93 4.35 -26.31
C GLU B 199 -22.74 5.85 -25.96
N ASN B 200 -22.30 6.13 -24.75
CA ASN B 200 -22.09 7.49 -24.28
C ASN B 200 -20.64 7.93 -24.11
N ASN B 201 -19.71 7.02 -24.41
CA ASN B 201 -18.27 7.23 -24.25
C ASN B 201 -17.89 7.61 -22.81
N ILE B 202 -18.29 6.77 -21.87
CA ILE B 202 -17.99 6.98 -20.46
C ILE B 202 -17.12 5.82 -19.95
N TYR B 203 -16.09 6.16 -19.20
CA TYR B 203 -15.22 5.18 -18.57
C TYR B 203 -16.05 4.28 -17.62
N ILE B 204 -15.87 2.97 -17.74
CA ILE B 204 -16.50 2.05 -16.81
C ILE B 204 -15.44 1.20 -16.12
N HIS B 205 -15.48 1.24 -14.78
CA HIS B 205 -14.67 0.43 -13.91
C HIS B 205 -15.49 -0.67 -13.28
N VAL B 206 -14.96 -1.88 -13.29
CA VAL B 206 -15.57 -3.03 -12.62
C VAL B 206 -14.76 -3.40 -11.36
N ASP B 207 -15.41 -3.33 -10.19
CA ASP B 207 -14.77 -3.80 -8.95
C ASP B 207 -15.07 -5.30 -8.78
N ALA B 208 -14.10 -6.13 -9.20
CA ALA B 208 -14.16 -7.57 -9.08
C ALA B 208 -13.13 -8.09 -8.06
N ALA B 209 -12.76 -7.25 -7.08
CA ALA B 209 -11.81 -7.57 -6.01
C ALA B 209 -12.06 -8.98 -5.48
N PHE B 210 -13.32 -9.27 -5.13
CA PHE B 210 -13.71 -10.57 -4.67
C PHE B 210 -14.14 -11.58 -5.77
N GLY B 211 -15.09 -11.18 -6.60
CA GLY B 211 -15.69 -12.05 -7.60
C GLY B 211 -14.86 -12.41 -8.81
N GLY B 212 -13.82 -11.63 -9.07
CA GLY B 212 -12.91 -11.87 -10.20
C GLY B 212 -12.22 -13.22 -10.19
N LEU B 213 -11.95 -13.74 -8.98
CA LEU B 213 -11.35 -15.08 -8.79
C LEU B 213 -12.36 -16.13 -8.33
N VAL B 214 -13.65 -15.82 -8.46
CA VAL B 214 -14.72 -16.78 -8.15
C VAL B 214 -15.59 -17.04 -9.39
N ILE B 215 -16.12 -15.96 -9.98
CA ILE B 215 -17.07 -16.03 -11.11
C ILE B 215 -16.57 -16.86 -12.30
N PRO B 216 -15.32 -16.61 -12.77
CA PRO B 216 -14.80 -17.39 -13.90
C PRO B 216 -14.65 -18.89 -13.67
N PHE B 217 -14.71 -19.35 -12.42
CA PHE B 217 -14.52 -20.73 -12.05
C PHE B 217 -15.77 -21.34 -11.46
N LEU B 218 -16.86 -20.60 -11.54
CA LEU B 218 -18.10 -21.01 -10.99
C LEU B 218 -18.80 -22.05 -11.89
N ASP B 219 -19.03 -23.24 -11.34
CA ASP B 219 -19.69 -24.32 -12.07
C ASP B 219 -21.14 -23.93 -12.31
N ASP B 220 -21.66 -24.33 -13.49
CA ASP B 220 -23.06 -24.13 -13.88
C ASP B 220 -24.06 -24.56 -12.80
N LYS B 221 -23.76 -25.65 -12.10
CA LYS B 221 -24.55 -26.17 -10.99
C LYS B 221 -24.95 -25.08 -9.98
N TYR B 222 -24.06 -24.11 -9.77
CA TYR B 222 -24.25 -23.02 -8.80
C TYR B 222 -24.79 -21.71 -9.40
N LYS B 223 -24.95 -21.67 -10.71
CA LYS B 223 -25.44 -20.46 -11.35
C LYS B 223 -26.96 -20.41 -11.32
N LYS B 224 -27.52 -19.22 -11.21
CA LYS B 224 -28.95 -19.03 -11.10
C LYS B 224 -29.55 -18.34 -12.30
N LYS B 225 -30.83 -18.66 -12.54
CA LYS B 225 -31.57 -18.13 -13.65
C LYS B 225 -31.75 -16.64 -13.41
N GLY B 226 -31.60 -15.86 -14.47
CA GLY B 226 -31.79 -14.42 -14.37
C GLY B 226 -30.63 -13.61 -13.85
N VAL B 227 -29.60 -14.27 -13.30
CA VAL B 227 -28.42 -13.56 -12.81
C VAL B 227 -27.39 -13.34 -13.93
N ASN B 228 -26.86 -12.12 -13.96
CA ASN B 228 -25.78 -11.69 -14.87
C ASN B 228 -24.43 -12.17 -14.32
N TYR B 229 -23.65 -12.92 -15.12
CA TYR B 229 -22.30 -13.37 -14.69
C TYR B 229 -21.16 -12.74 -15.53
N LYS B 230 -21.53 -12.00 -16.57
CA LYS B 230 -20.58 -11.35 -17.47
C LYS B 230 -20.12 -10.08 -16.79
N PHE B 231 -18.80 -9.91 -16.71
CA PHE B 231 -18.25 -8.75 -16.02
C PHE B 231 -16.90 -8.31 -16.55
N ASP B 232 -16.29 -9.05 -17.48
CA ASP B 232 -14.87 -8.83 -17.84
C ASP B 232 -14.62 -8.01 -19.10
N PHE B 233 -13.40 -8.09 -19.65
CA PHE B 233 -13.02 -7.32 -20.83
C PHE B 233 -13.75 -7.72 -22.12
N SER B 234 -14.40 -8.89 -22.16
CA SER B 234 -15.22 -9.26 -23.33
C SER B 234 -16.40 -8.28 -23.45
N LEU B 235 -16.73 -7.58 -22.36
CA LEU B 235 -17.76 -6.53 -22.39
C LEU B 235 -17.18 -5.15 -22.78
N GLY B 236 -15.88 -5.04 -22.99
CA GLY B 236 -15.27 -3.79 -23.38
C GLY B 236 -15.07 -2.78 -22.25
N VAL B 237 -15.14 -3.22 -20.98
CA VAL B 237 -14.94 -2.32 -19.85
C VAL B 237 -13.48 -1.77 -19.84
N ASP B 238 -13.27 -0.63 -19.19
CA ASP B 238 -11.98 0.04 -19.17
C ASP B 238 -11.01 -0.48 -18.16
N SER B 239 -11.52 -0.82 -16.98
CA SER B 239 -10.66 -1.38 -15.93
C SER B 239 -11.42 -2.34 -15.02
N ILE B 240 -10.62 -3.21 -14.40
CA ILE B 240 -11.10 -4.23 -13.47
C ILE B 240 -10.11 -4.43 -12.29
N THR B 241 -10.64 -4.28 -11.07
CA THR B 241 -9.95 -4.63 -9.85
C THR B 241 -10.23 -6.11 -9.59
N ILE B 242 -9.17 -6.81 -9.21
CA ILE B 242 -9.22 -8.26 -8.93
C ILE B 242 -8.11 -8.60 -7.92
N ASP B 243 -8.45 -9.18 -6.76
CA ASP B 243 -7.48 -9.46 -5.68
C ASP B 243 -6.99 -10.87 -5.40
N PRO B 244 -5.78 -11.19 -5.86
CA PRO B 244 -5.25 -12.46 -5.43
C PRO B 244 -5.25 -12.75 -3.93
N HIS B 245 -5.05 -11.76 -3.05
CA HIS B 245 -5.03 -12.06 -1.63
C HIS B 245 -6.40 -12.32 -1.01
N LYS B 246 -7.44 -12.29 -1.83
CA LYS B 246 -8.74 -12.73 -1.39
C LYS B 246 -8.89 -14.18 -1.87
N MSE B 247 -9.64 -14.43 -2.94
CA MSE B 247 -9.89 -15.81 -3.41
C MSE B 247 -8.84 -16.43 -4.30
O MSE B 247 -9.07 -17.47 -4.88
CB MSE B 247 -11.27 -15.89 -4.05
CG MSE B 247 -12.40 -15.95 -2.98
SE MSE B 247 -12.40 -17.73 -2.13
CE MSE B 247 -12.78 -18.98 -3.61
N GLY B 248 -7.69 -15.77 -4.37
CA GLY B 248 -6.49 -16.27 -5.05
C GLY B 248 -5.49 -16.93 -4.11
N HIS B 249 -5.81 -16.95 -2.81
CA HIS B 249 -5.04 -17.67 -1.76
C HIS B 249 -3.59 -17.21 -1.70
N CYS B 250 -3.37 -15.96 -2.06
CA CYS B 250 -2.02 -15.37 -2.07
C CYS B 250 -1.83 -14.46 -0.85
N PRO B 251 -0.59 -14.34 -0.38
CA PRO B 251 -0.31 -13.47 0.76
C PRO B 251 -0.50 -11.99 0.50
N ILE B 252 -0.98 -11.31 1.53
CA ILE B 252 -1.07 -9.88 1.53
C ILE B 252 0.40 -9.40 1.49
N PRO B 253 0.72 -8.38 0.69
CA PRO B 253 -0.16 -7.67 -0.23
C PRO B 253 -0.09 -8.22 -1.64
N SER B 254 -1.25 -8.60 -2.15
CA SER B 254 -1.42 -9.10 -3.52
C SER B 254 -2.77 -8.61 -4.06
N GLY B 255 -2.85 -7.36 -4.49
CA GLY B 255 -4.08 -6.86 -5.13
C GLY B 255 -3.86 -6.78 -6.64
N GLY B 256 -4.89 -6.50 -7.40
CA GLY B 256 -4.70 -6.42 -8.84
C GLY B 256 -5.53 -5.35 -9.52
N ILE B 257 -4.90 -4.64 -10.44
CA ILE B 257 -5.55 -3.65 -11.25
C ILE B 257 -5.20 -3.91 -12.72
N LEU B 258 -6.23 -4.11 -13.54
CA LEU B 258 -6.05 -4.26 -15.00
C LEU B 258 -6.84 -3.22 -15.79
N PHE B 259 -6.16 -2.59 -16.75
CA PHE B 259 -6.73 -1.62 -17.66
C PHE B 259 -6.80 -2.31 -19.00
N LYS B 260 -7.77 -1.90 -19.80
CA LYS B 260 -7.99 -2.51 -21.10
C LYS B 260 -6.74 -2.59 -21.96
N ASP B 261 -5.92 -1.55 -21.94
CA ASP B 261 -4.67 -1.56 -22.68
C ASP B 261 -3.71 -0.56 -22.09
N ILE B 262 -2.51 -0.54 -22.65
CA ILE B 262 -1.39 0.29 -22.23
C ILE B 262 -1.62 1.80 -22.37
N GLY B 263 -2.54 2.21 -23.24
CA GLY B 263 -2.86 3.61 -23.45
C GLY B 263 -3.40 4.32 -22.23
N TYR B 264 -3.79 3.55 -21.20
CA TYR B 264 -4.34 4.12 -19.98
C TYR B 264 -3.27 4.68 -19.06
N LYS B 265 -2.04 4.20 -19.24
CA LYS B 265 -0.86 4.58 -18.46
C LYS B 265 -0.65 6.09 -18.47
N ARG B 266 -0.95 6.67 -19.61
CA ARG B 266 -0.96 8.09 -19.82
C ARG B 266 -1.74 8.89 -18.74
N TYR B 267 -2.80 8.31 -18.18
CA TYR B 267 -3.59 8.97 -17.17
C TYR B 267 -3.19 8.63 -15.71
N LEU B 268 -2.08 7.89 -15.55
CA LEU B 268 -1.61 7.41 -14.25
C LEU B 268 -0.17 7.81 -13.89
N ASP B 269 0.70 7.90 -14.89
CA ASP B 269 2.12 8.14 -14.64
C ASP B 269 2.47 9.42 -13.91
N VAL B 270 3.40 9.29 -12.97
CA VAL B 270 4.02 10.40 -12.25
C VAL B 270 5.55 10.19 -12.42
N ASP B 271 6.31 11.29 -12.50
CA ASP B 271 7.80 11.21 -12.63
C ASP B 271 8.48 10.76 -11.31
N ALA B 272 9.38 9.78 -11.44
CA ALA B 272 10.16 9.22 -10.33
C ALA B 272 11.61 9.35 -10.79
N PRO B 273 12.17 10.56 -10.70
CA PRO B 273 13.47 10.92 -11.34
C PRO B 273 14.74 10.11 -10.96
N TYR B 274 14.84 9.75 -9.67
CA TYR B 274 15.99 9.02 -9.11
C TYR B 274 15.90 7.50 -9.25
N LEU B 275 14.83 6.98 -9.84
CA LEU B 275 14.64 5.53 -9.95
C LEU B 275 14.98 5.01 -11.33
N THR B 276 15.11 3.69 -11.40
CA THR B 276 15.40 2.98 -12.67
C THR B 276 14.23 3.13 -13.67
N GLU B 277 13.00 3.13 -13.14
CA GLU B 277 11.84 3.39 -13.97
C GLU B 277 11.43 4.80 -13.51
N THR B 278 11.65 5.77 -14.39
CA THR B 278 11.34 7.18 -14.05
C THR B 278 9.86 7.53 -14.17
N ARG B 279 9.05 6.53 -14.51
CA ARG B 279 7.64 6.73 -14.69
C ARG B 279 6.94 5.66 -13.81
N GLN B 280 6.06 6.12 -12.95
CA GLN B 280 5.42 5.21 -12.00
C GLN B 280 3.93 5.45 -12.01
N ALA B 281 3.15 4.38 -12.23
CA ALA B 281 1.70 4.46 -12.30
C ALA B 281 1.00 4.07 -11.01
N THR B 282 1.70 3.41 -10.08
CA THR B 282 1.08 2.97 -8.83
C THR B 282 1.04 4.15 -7.85
N ILE B 283 0.13 4.08 -6.88
CA ILE B 283 0.06 5.10 -5.83
C ILE B 283 1.27 4.88 -4.87
N LEU B 284 1.52 3.61 -4.49
CA LEU B 284 2.70 3.27 -3.71
C LEU B 284 3.97 3.42 -4.53
N GLY B 285 5.11 3.63 -3.85
CA GLY B 285 6.42 3.66 -4.50
C GLY B 285 7.09 2.32 -4.27
N THR B 286 7.91 2.26 -3.21
CA THR B 286 8.52 1.01 -2.73
C THR B 286 7.35 0.06 -2.46
N ARG B 287 7.43 -1.12 -3.07
CA ARG B 287 6.39 -2.11 -2.99
C ARG B 287 6.92 -3.52 -3.21
N VAL B 288 6.21 -4.49 -2.64
CA VAL B 288 6.65 -5.89 -2.73
C VAL B 288 6.69 -6.41 -4.17
N GLY B 289 7.64 -7.33 -4.38
CA GLY B 289 7.74 -8.08 -5.64
C GLY B 289 7.11 -9.48 -5.52
N PHE B 290 6.93 -9.96 -4.28
CA PHE B 290 6.42 -11.31 -4.06
C PHE B 290 4.95 -11.50 -4.41
N GLY B 291 4.20 -10.42 -4.49
CA GLY B 291 2.79 -10.53 -4.83
C GLY B 291 2.65 -11.05 -6.26
N GLY B 292 3.38 -10.45 -7.20
CA GLY B 292 3.38 -10.89 -8.60
C GLY B 292 3.84 -12.31 -8.83
N ALA B 293 4.93 -12.68 -8.15
CA ALA B 293 5.48 -14.01 -8.19
C ALA B 293 4.44 -15.02 -7.65
N CYS B 294 3.77 -14.68 -6.54
CA CYS B 294 2.74 -15.55 -5.97
C CYS B 294 1.51 -15.66 -6.88
N THR B 295 1.01 -14.56 -7.42
CA THR B 295 -0.17 -14.60 -8.28
C THR B 295 0.07 -15.51 -9.47
N TYR B 296 1.20 -15.32 -10.15
CA TYR B 296 1.58 -16.14 -11.29
C TYR B 296 1.69 -17.59 -10.90
N ALA B 297 2.41 -17.86 -9.81
CA ALA B 297 2.64 -19.20 -9.34
C ALA B 297 1.37 -19.98 -9.03
N VAL B 298 0.49 -19.36 -8.26
CA VAL B 298 -0.76 -19.95 -7.87
C VAL B 298 -1.65 -20.25 -9.09
N LEU B 299 -1.76 -19.31 -10.02
CA LEU B 299 -2.59 -19.57 -11.22
C LEU B 299 -2.06 -20.72 -12.06
N ARG B 300 -0.74 -20.83 -12.15
CA ARG B 300 -0.05 -21.92 -12.85
C ARG B 300 -0.14 -23.26 -12.10
N TYR B 301 0.07 -23.22 -10.79
CA TYR B 301 0.01 -24.39 -9.91
C TYR B 301 -1.38 -25.02 -9.84
N LEU B 302 -2.38 -24.18 -9.69
CA LEU B 302 -3.74 -24.69 -9.62
C LEU B 302 -4.35 -25.05 -10.97
N GLY B 303 -4.12 -24.18 -11.95
CA GLY B 303 -4.78 -24.25 -13.24
C GLY B 303 -6.23 -23.87 -12.97
N ARG B 304 -7.04 -23.80 -14.01
CA ARG B 304 -8.47 -23.59 -13.82
C ARG B 304 -9.05 -24.75 -12.99
N GLU B 305 -8.53 -25.94 -13.20
CA GLU B 305 -9.03 -27.13 -12.49
C GLU B 305 -8.94 -27.06 -10.97
N GLY B 306 -7.77 -26.70 -10.45
CA GLY B 306 -7.55 -26.56 -9.03
C GLY B 306 -8.40 -25.45 -8.44
N GLN B 307 -8.51 -24.30 -9.13
CA GLN B 307 -9.33 -23.19 -8.62
C GLN B 307 -10.83 -23.55 -8.66
N ARG B 308 -11.31 -24.24 -9.70
CA ARG B 308 -12.71 -24.70 -9.72
C ARG B 308 -12.97 -25.62 -8.53
N LYS B 309 -12.02 -26.49 -8.23
CA LYS B 309 -12.21 -27.39 -7.11
C LYS B 309 -12.38 -26.63 -5.78
N ILE B 310 -11.53 -25.61 -5.56
CA ILE B 310 -11.61 -24.79 -4.34
C ILE B 310 -12.92 -23.99 -4.30
N VAL B 311 -13.30 -23.35 -5.41
CA VAL B 311 -14.58 -22.61 -5.50
C VAL B 311 -15.78 -23.54 -5.29
N ASN B 312 -15.74 -24.74 -5.88
CA ASN B 312 -16.83 -25.69 -5.74
C ASN B 312 -17.06 -26.03 -4.29
N GLU B 313 -15.98 -26.30 -3.54
CA GLU B 313 -16.07 -26.65 -2.11
C GLU B 313 -16.60 -25.47 -1.30
N CYS B 314 -16.17 -24.26 -1.67
CA CYS B 314 -16.71 -23.08 -1.00
C CYS B 314 -18.20 -22.96 -1.28
N MSE B 315 -18.61 -23.18 -2.53
CA MSE B 315 -20.04 -23.14 -2.88
C MSE B 315 -20.88 -24.26 -2.18
O MSE B 315 -21.98 -24.00 -1.68
CB MSE B 315 -20.25 -23.15 -4.37
CG MSE B 315 -19.73 -21.92 -5.10
SE MSE B 315 -20.34 -20.22 -4.35
CE MSE B 315 -22.29 -20.38 -4.37
N GLU B 316 -20.35 -25.47 -2.13
CA GLU B 316 -21.01 -26.53 -1.36
C GLU B 316 -21.24 -26.11 0.11
N ASN B 317 -20.23 -25.55 0.75
CA ASN B 317 -20.34 -25.13 2.13
C ASN B 317 -21.28 -23.92 2.27
N THR B 318 -21.31 -23.05 1.26
CA THR B 318 -22.27 -21.91 1.23
C THR B 318 -23.72 -22.42 1.19
N LEU B 319 -23.96 -23.43 0.35
CA LEU B 319 -25.31 -24.01 0.21
C LEU B 319 -25.70 -24.77 1.48
N TYR B 320 -24.73 -25.44 2.10
CA TYR B 320 -24.96 -26.15 3.35
C TYR B 320 -25.32 -25.16 4.45
N LEU B 321 -24.60 -24.03 4.50
CA LEU B 321 -24.90 -22.95 5.49
C LEU B 321 -26.31 -22.40 5.28
N TYR B 322 -26.64 -22.09 4.03
CA TYR B 322 -27.96 -21.60 3.66
C TYR B 322 -29.06 -22.59 4.06
N LYS B 323 -28.86 -23.86 3.74
CA LYS B 323 -29.78 -24.92 4.08
C LYS B 323 -29.98 -25.04 5.59
N LYS B 324 -28.89 -25.07 6.35
CA LYS B 324 -28.97 -25.12 7.81
C LYS B 324 -29.71 -23.91 8.38
N LEU B 325 -29.49 -22.72 7.81
CA LEU B 325 -30.20 -21.52 8.28
C LEU B 325 -31.72 -21.65 8.12
N LYS B 326 -32.16 -22.01 6.91
CA LYS B 326 -33.59 -22.20 6.63
C LYS B 326 -34.23 -23.23 7.59
N GLU B 327 -33.55 -24.35 7.83
CA GLU B 327 -34.03 -25.40 8.73
C GLU B 327 -34.18 -24.95 10.17
N ASN B 328 -33.35 -23.99 10.56
CA ASN B 328 -33.40 -23.44 11.91
C ASN B 328 -34.16 -22.13 12.02
N ASN B 329 -35.02 -21.85 11.04
CA ASN B 329 -35.87 -20.66 11.01
C ASN B 329 -35.20 -19.32 10.95
N PHE B 330 -33.99 -19.28 10.38
CA PHE B 330 -33.30 -18.03 10.10
C PHE B 330 -33.65 -17.60 8.69
N LYS B 331 -33.54 -16.30 8.44
CA LYS B 331 -33.87 -15.74 7.15
C LYS B 331 -32.65 -15.15 6.42
N PRO B 332 -32.11 -15.92 5.46
CA PRO B 332 -31.08 -15.36 4.66
C PRO B 332 -31.60 -14.14 3.88
N VAL B 333 -30.73 -13.16 3.65
CA VAL B 333 -31.13 -11.95 2.91
C VAL B 333 -31.54 -12.34 1.49
N ILE B 334 -30.69 -13.11 0.81
CA ILE B 334 -30.96 -13.60 -0.54
C ILE B 334 -30.39 -15.00 -0.64
N GLU B 335 -30.79 -15.73 -1.66
CA GLU B 335 -30.19 -17.01 -1.96
C GLU B 335 -28.82 -16.60 -2.45
N PRO B 336 -27.77 -17.29 -1.98
CA PRO B 336 -26.42 -16.87 -2.38
C PRO B 336 -26.10 -16.95 -3.89
N ILE B 337 -25.28 -15.99 -4.35
CA ILE B 337 -24.79 -15.92 -5.70
C ILE B 337 -23.38 -16.48 -5.71
N LEU B 338 -22.52 -15.90 -4.87
CA LEU B 338 -21.14 -16.35 -4.67
C LEU B 338 -21.06 -16.92 -3.23
N ASN B 339 -19.84 -17.13 -2.71
CA ASN B 339 -19.68 -17.75 -1.38
C ASN B 339 -19.86 -16.78 -0.23
N ILE B 340 -21.01 -16.11 -0.20
CA ILE B 340 -21.36 -15.13 0.86
C ILE B 340 -22.82 -15.28 1.19
N VAL B 341 -23.10 -15.40 2.48
CA VAL B 341 -24.46 -15.48 2.99
C VAL B 341 -24.65 -14.41 4.07
N ALA B 342 -25.80 -13.75 4.04
CA ALA B 342 -26.14 -12.75 5.04
C ALA B 342 -27.44 -13.20 5.72
N ILE B 343 -27.50 -13.05 7.05
CA ILE B 343 -28.59 -13.51 7.90
C ILE B 343 -29.31 -12.32 8.54
N GLU B 344 -30.57 -12.15 8.18
CA GLU B 344 -31.37 -11.09 8.77
C GLU B 344 -31.49 -11.20 10.27
N ASP B 345 -31.32 -10.06 10.93
CA ASP B 345 -31.46 -9.98 12.38
C ASP B 345 -31.73 -8.52 12.79
N GLU B 346 -32.85 -8.29 13.46
CA GLU B 346 -33.24 -6.96 13.93
C GLU B 346 -32.30 -6.40 14.96
N ASP B 347 -31.54 -7.26 15.65
CA ASP B 347 -30.53 -6.88 16.64
C ASP B 347 -29.14 -7.35 16.18
N TYR B 348 -28.88 -7.24 14.88
CA TYR B 348 -27.65 -7.74 14.23
C TYR B 348 -26.33 -7.24 14.80
N LYS B 349 -26.23 -5.98 15.21
CA LYS B 349 -24.97 -5.47 15.80
C LYS B 349 -24.67 -6.13 17.15
N GLU B 350 -25.66 -6.18 18.04
CA GLU B 350 -25.47 -6.87 19.32
C GLU B 350 -25.25 -8.38 19.16
N VAL B 351 -25.98 -9.00 18.25
CA VAL B 351 -25.82 -10.43 17.98
C VAL B 351 -24.39 -10.74 17.52
N CYS B 352 -23.84 -9.90 16.66
CA CYS B 352 -22.46 -10.05 16.22
C CYS B 352 -21.50 -9.96 17.44
N LYS B 353 -21.77 -9.01 18.34
CA LYS B 353 -21.00 -8.85 19.59
C LYS B 353 -21.15 -10.09 20.49
N LYS B 354 -22.37 -10.58 20.68
CA LYS B 354 -22.57 -11.79 21.47
C LYS B 354 -21.87 -13.02 20.85
N LEU B 355 -21.88 -13.14 19.53
CA LEU B 355 -21.16 -14.22 18.84
C LEU B 355 -19.65 -14.16 19.11
N ARG B 356 -19.06 -12.96 19.09
CA ARG B 356 -17.61 -12.82 19.42
C ARG B 356 -17.29 -13.33 20.79
N ASP B 357 -18.10 -12.94 21.76
CA ASP B 357 -17.93 -13.38 23.14
C ASP B 357 -17.92 -14.91 23.23
N ARG B 358 -18.55 -15.57 22.26
CA ARG B 358 -18.64 -17.03 22.20
C ARG B 358 -17.59 -17.60 21.26
N GLY B 359 -16.69 -16.75 20.76
CA GLY B 359 -15.63 -17.20 19.85
C GLY B 359 -15.96 -17.30 18.37
N ILE B 360 -17.08 -16.75 17.94
CA ILE B 360 -17.47 -16.77 16.53
C ILE B 360 -17.39 -15.30 16.06
N TYR B 361 -16.61 -15.07 15.02
CA TYR B 361 -16.42 -13.72 14.49
C TYR B 361 -17.05 -13.57 13.14
N VAL B 362 -18.27 -13.03 13.12
CA VAL B 362 -18.99 -12.78 11.89
C VAL B 362 -18.87 -11.30 11.63
N SER B 363 -19.27 -10.90 10.44
CA SER B 363 -19.25 -9.52 10.00
C SER B 363 -20.71 -9.04 9.98
N VAL B 364 -20.92 -7.80 9.61
CA VAL B 364 -22.28 -7.26 9.47
C VAL B 364 -22.38 -6.52 8.13
N CYS B 365 -23.60 -6.43 7.62
CA CYS B 365 -23.89 -5.66 6.43
C CYS B 365 -24.14 -4.21 6.82
N ASN B 366 -24.04 -3.36 5.83
CA ASN B 366 -24.21 -1.92 5.93
C ASN B 366 -25.57 -1.47 5.35
N CYS B 367 -25.97 -2.00 4.20
CA CYS B 367 -27.22 -1.58 3.56
C CYS B 367 -28.44 -2.44 3.94
N VAL B 368 -28.27 -3.43 4.81
CA VAL B 368 -29.37 -4.28 5.31
C VAL B 368 -29.01 -4.73 6.73
N LYS B 369 -30.02 -4.87 7.60
CA LYS B 369 -29.78 -5.29 9.00
C LYS B 369 -29.56 -6.78 9.03
N ALA B 370 -28.30 -7.17 8.93
CA ALA B 370 -27.95 -8.57 8.84
C ALA B 370 -26.51 -8.89 9.22
N LEU B 371 -26.32 -10.12 9.68
CA LEU B 371 -25.02 -10.68 9.90
C LEU B 371 -24.46 -11.08 8.54
N ARG B 372 -23.15 -11.03 8.40
CA ARG B 372 -22.49 -11.34 7.15
C ARG B 372 -21.43 -12.45 7.30
N ILE B 373 -21.54 -13.49 6.48
CA ILE B 373 -20.62 -14.63 6.47
C ILE B 373 -20.00 -14.82 5.07
N VAL B 374 -18.66 -14.83 5.02
CA VAL B 374 -17.91 -15.10 3.81
C VAL B 374 -17.36 -16.54 4.00
N VAL B 375 -17.84 -17.45 3.17
CA VAL B 375 -17.47 -18.84 3.26
C VAL B 375 -16.20 -19.06 2.46
N MSE B 376 -15.09 -18.68 3.07
CA MSE B 376 -13.78 -18.86 2.52
C MSE B 376 -13.40 -20.35 2.62
O MSE B 376 -14.12 -21.11 3.25
CB MSE B 376 -12.79 -17.98 3.29
CG MSE B 376 -13.01 -16.48 3.07
SE MSE B 376 -12.87 -15.90 1.20
CE MSE B 376 -10.85 -16.03 0.97
N PRO B 377 -12.30 -20.76 1.95
CA PRO B 377 -11.89 -22.18 2.03
C PRO B 377 -11.63 -22.74 3.43
N HIS B 378 -11.38 -21.88 4.41
CA HIS B 378 -11.11 -22.34 5.77
C HIS B 378 -12.38 -22.75 6.53
N ILE B 379 -13.57 -22.41 5.99
CA ILE B 379 -14.85 -22.78 6.62
C ILE B 379 -15.33 -24.15 6.13
N LYS B 380 -15.52 -25.07 7.09
CA LYS B 380 -15.94 -26.44 6.83
C LYS B 380 -17.31 -26.66 7.47
N ARG B 381 -17.94 -27.77 7.12
CA ARG B 381 -19.27 -28.05 7.67
C ARG B 381 -19.29 -28.08 9.17
N GLU B 382 -18.26 -28.66 9.79
CA GLU B 382 -18.20 -28.76 11.24
CA GLU B 382 -18.22 -28.75 11.24
C GLU B 382 -18.25 -27.36 11.88
N HIS B 383 -17.62 -26.38 11.22
CA HIS B 383 -17.59 -25.01 11.71
C HIS B 383 -18.99 -24.38 11.57
N ILE B 384 -19.61 -24.58 10.41
CA ILE B 384 -21.00 -24.13 10.16
C ILE B 384 -21.95 -24.74 11.20
N ASP B 385 -21.78 -26.02 11.51
CA ASP B 385 -22.64 -26.68 12.52
C ASP B 385 -22.45 -26.03 13.87
N ASN B 386 -21.21 -25.74 14.24
CA ASN B 386 -20.90 -25.10 15.50
C ASN B 386 -21.48 -23.67 15.57
N PHE B 387 -21.31 -22.90 14.48
CA PHE B 387 -21.92 -21.57 14.36
C PHE B 387 -23.45 -21.58 14.57
N ILE B 388 -24.17 -22.47 13.86
CA ILE B 388 -25.63 -22.56 13.99
C ILE B 388 -26.03 -22.92 15.45
N GLU B 389 -25.29 -23.81 16.11
CA GLU B 389 -25.63 -24.19 17.47
C GLU B 389 -25.38 -23.01 18.42
N ILE B 390 -24.35 -22.23 18.16
CA ILE B 390 -24.09 -21.04 19.00
C ILE B 390 -25.14 -19.98 18.72
N LEU B 391 -25.42 -19.71 17.45
CA LEU B 391 -26.44 -18.70 17.10
C LEU B 391 -27.83 -19.07 17.73
N ASN B 392 -28.22 -20.34 17.63
CA ASN B 392 -29.47 -20.80 18.25
C ASN B 392 -29.44 -20.52 19.75
N SER B 393 -28.35 -20.90 20.39
CA SER B 393 -28.19 -20.69 21.82
C SER B 393 -28.38 -19.21 22.20
N ILE B 394 -27.87 -18.30 21.38
CA ILE B 394 -28.01 -16.85 21.61
C ILE B 394 -29.44 -16.31 21.42
N LYS B 395 -30.19 -16.80 20.44
CA LYS B 395 -31.54 -16.27 20.10
C LYS B 395 -32.77 -16.72 20.96
N1 PLP C . 10.21 10.38 1.65
C2 PLP C . 11.57 10.28 1.43
C2A PLP C . 12.51 11.31 2.01
C3 PLP C . 12.05 9.22 0.68
O3 PLP C . 13.40 9.11 0.49
C4 PLP C . 11.19 8.24 0.17
C4A PLP C . 11.76 7.02 -0.56
O4A PLP C . 12.28 7.13 -1.67
C5 PLP C . 9.82 8.35 0.41
C6 PLP C . 9.34 9.41 1.16
C5A PLP C . 8.85 7.28 -0.07
O4P PLP C . 9.08 6.01 0.55
P PLP C . 8.48 4.65 -0.07
O1P PLP C . 7.02 4.88 -0.40
O2P PLP C . 8.82 3.60 1.01
O3P PLP C . 9.12 4.40 -1.42
C1 MPD D . 9.82 17.65 -8.28
C2 MPD D . 9.29 16.33 -7.70
O2 MPD D . 8.36 15.78 -8.68
CM MPD D . 10.41 15.31 -7.58
C3 MPD D . 8.56 16.54 -6.38
C4 MPD D . 8.09 17.98 -6.10
O4 MPD D . 6.89 17.97 -5.33
C5 MPD D . 9.18 18.75 -5.34
C1 MPD E . 10.67 -21.41 3.45
C2 MPD E . 10.27 -21.11 4.90
O2 MPD E . 8.91 -20.63 4.85
CM MPD E . 10.32 -22.40 5.71
C3 MPD E . 11.12 -19.97 5.47
C4 MPD E . 11.55 -20.08 6.95
O4 MPD E . 11.83 -18.77 7.39
C5 MPD E . 10.50 -20.65 7.92
N1 PLP F . -13.58 -3.96 -3.40
C2 PLP F . -14.36 -5.00 -2.95
C2A PLP F . -15.57 -5.48 -3.73
C3 PLP F . -14.02 -5.64 -1.76
O3 PLP F . -14.99 -6.35 -1.13
C4 PLP F . -12.89 -5.23 -1.04
C4A PLP F . -12.62 -5.96 0.27
O4A PLP F . -12.38 -5.35 1.32
C5 PLP F . -12.11 -4.15 -1.52
C6 PLP F . -12.45 -3.52 -2.70
C5A PLP F . -10.87 -3.66 -0.79
O4P PLP F . -9.81 -4.57 -0.95
P PLP F . -8.57 -4.53 0.03
O1P PLP F . -7.80 -3.21 -0.07
O2P PLP F . -7.63 -5.66 -0.35
O3P PLP F . -9.05 -4.65 1.44
C1 MPD G . -18.66 3.82 -0.53
C2 MPD G . -20.06 4.03 0.02
O2 MPD G . -20.17 5.42 0.39
CM MPD G . -21.08 3.81 -1.09
C3 MPD G . -20.40 3.15 1.24
C4 MPD G . -19.34 3.02 2.35
O4 MPD G . -19.26 4.22 3.08
C5 MPD G . -19.59 1.90 3.37
#